data_5CDB
# 
_entry.id   5CDB 
# 
_audit_conform.dict_name       mmcif_pdbx.dic 
_audit_conform.dict_version    5.383 
_audit_conform.dict_location   http://mmcif.pdb.org/dictionaries/ascii/mmcif_pdbx.dic 
# 
loop_
_database_2.database_id 
_database_2.database_code 
_database_2.pdbx_database_accession 
_database_2.pdbx_DOI 
PDB   5CDB         pdb_00005cdb 10.2210/pdb5cdb/pdb 
WWPDB D_1000211428 ?            ?                   
# 
loop_
_pdbx_audit_revision_history.ordinal 
_pdbx_audit_revision_history.data_content_type 
_pdbx_audit_revision_history.major_revision 
_pdbx_audit_revision_history.minor_revision 
_pdbx_audit_revision_history.revision_date 
1 'Structure model' 1 0 2016-07-20 
2 'Structure model' 1 1 2024-01-10 
# 
_pdbx_audit_revision_details.ordinal             1 
_pdbx_audit_revision_details.revision_ordinal    1 
_pdbx_audit_revision_details.data_content_type   'Structure model' 
_pdbx_audit_revision_details.provider            repository 
_pdbx_audit_revision_details.type                'Initial release' 
_pdbx_audit_revision_details.description         ? 
_pdbx_audit_revision_details.details             ? 
# 
loop_
_pdbx_audit_revision_group.ordinal 
_pdbx_audit_revision_group.revision_ordinal 
_pdbx_audit_revision_group.data_content_type 
_pdbx_audit_revision_group.group 
1 2 'Structure model' 'Data collection'        
2 2 'Structure model' 'Database references'    
3 2 'Structure model' 'Derived calculations'   
4 2 'Structure model' 'Refinement description' 
# 
loop_
_pdbx_audit_revision_category.ordinal 
_pdbx_audit_revision_category.revision_ordinal 
_pdbx_audit_revision_category.data_content_type 
_pdbx_audit_revision_category.category 
1 2 'Structure model' chem_comp_atom                
2 2 'Structure model' chem_comp_bond                
3 2 'Structure model' database_2                    
4 2 'Structure model' pdbx_initial_refinement_model 
5 2 'Structure model' struct_conn                   
# 
loop_
_pdbx_audit_revision_item.ordinal 
_pdbx_audit_revision_item.revision_ordinal 
_pdbx_audit_revision_item.data_content_type 
_pdbx_audit_revision_item.item 
1  2 'Structure model' '_database_2.pdbx_DOI'                
2  2 'Structure model' '_database_2.pdbx_database_accession' 
3  2 'Structure model' '_struct_conn.pdbx_dist_value'        
4  2 'Structure model' '_struct_conn.ptnr1_auth_asym_id'     
5  2 'Structure model' '_struct_conn.ptnr1_auth_comp_id'     
6  2 'Structure model' '_struct_conn.ptnr1_auth_seq_id'      
7  2 'Structure model' '_struct_conn.ptnr1_label_asym_id'    
8  2 'Structure model' '_struct_conn.ptnr1_label_atom_id'    
9  2 'Structure model' '_struct_conn.ptnr1_label_comp_id'    
10 2 'Structure model' '_struct_conn.ptnr1_label_seq_id'     
11 2 'Structure model' '_struct_conn.ptnr2_auth_asym_id'     
12 2 'Structure model' '_struct_conn.ptnr2_auth_comp_id'     
13 2 'Structure model' '_struct_conn.ptnr2_auth_seq_id'      
14 2 'Structure model' '_struct_conn.ptnr2_label_asym_id'    
15 2 'Structure model' '_struct_conn.ptnr2_label_atom_id'    
16 2 'Structure model' '_struct_conn.ptnr2_label_comp_id'    
17 2 'Structure model' '_struct_conn.ptnr2_label_seq_id'     
# 
_pdbx_database_status.status_code                     REL 
_pdbx_database_status.status_code_sf                  REL 
_pdbx_database_status.status_code_mr                  ? 
_pdbx_database_status.entry_id                        5CDB 
_pdbx_database_status.recvd_initial_deposition_date   2015-07-03 
_pdbx_database_status.SG_entry                        N 
_pdbx_database_status.deposit_site                    RCSB 
_pdbx_database_status.process_site                    PDBE 
_pdbx_database_status.status_code_cs                  ? 
_pdbx_database_status.methods_development_category    ? 
_pdbx_database_status.pdb_format_compatible           Y 
_pdbx_database_status.status_code_nmr_data            ? 
# 
loop_
_audit_author.name 
_audit_author.pdbx_ordinal 
'Ferraroni, M.'   1 
'Bazzicalupi, C.' 2 
'Gratteri, P.'    3 
'Papi, F.'        4 
# 
_citation.abstract                  ? 
_citation.abstract_id_CAS           ? 
_citation.book_id_ISBN              ? 
_citation.book_publisher            ? 
_citation.book_publisher_city       ? 
_citation.book_title                ? 
_citation.coordinate_linkage        ? 
_citation.country                   DE 
_citation.database_id_Medline       ? 
_citation.details                   ? 
_citation.id                        primary 
_citation.journal_abbrev            'Chem Asian J' 
_citation.journal_id_ASTM           ? 
_citation.journal_id_CSD            ? 
_citation.journal_id_ISSN           1861-471X 
_citation.journal_full              ? 
_citation.journal_issue             ? 
_citation.journal_volume            11 
_citation.language                  ? 
_citation.page_first                1107 
_citation.page_last                 1115 
_citation.title                     
'Solution and Solid-State Analysis of Binding of 13-Substituted Berberine Analogues to Human Telomeric G-quadruplexes.' 
_citation.year                      2016 
_citation.database_id_CSD           ? 
_citation.pdbx_database_id_DOI      10.1002/asia.201600116 
_citation.pdbx_database_id_PubMed   26865223 
_citation.unpublished_flag          ? 
# 
loop_
_citation_author.citation_id 
_citation_author.name 
_citation_author.ordinal 
_citation_author.identifier_ORCID 
primary 'Ferraroni, M.'      1 ? 
primary 'Bazzicalupi, C.'    2 ? 
primary 'Papi, F.'           3 ? 
primary 'Fiorillo, G.'       4 ? 
primary 'Guaman-Ortiz, L.M.' 5 ? 
primary 'Nocentini, A.'      6 ? 
primary 'Scovassi, A.I.'     7 ? 
primary 'Lombardi, P.'       8 ? 
primary 'Gratteri, P.'       9 ? 
# 
loop_
_entity.id 
_entity.type 
_entity.src_method 
_entity.pdbx_description 
_entity.formula_weight 
_entity.pdbx_number_of_molecules 
_entity.pdbx_ec 
_entity.pdbx_mutation 
_entity.pdbx_fragment 
_entity.details 
1 polymer     syn 'human telomeric DNA'        3773.462 2  ? ? ? ? 
2 non-polymer syn 'POTASSIUM ION'              39.098   2  ? ? ? ? 
3 non-polymer man '13-diphenylalkyl Berberine' 544.659  1  ? ? ? ? 
4 water       nat water                        18.015   28 ? ? ? ? 
# 
_entity_poly.entity_id                      1 
_entity_poly.type                           polydeoxyribonucleotide 
_entity_poly.nstd_linkage                   no 
_entity_poly.nstd_monomer                   no 
_entity_poly.pdbx_seq_one_letter_code       '(DT)(DA)(DG)(DG)(DG)(DT)(DT)(DA)(DG)(DG)(DG)(DT)' 
_entity_poly.pdbx_seq_one_letter_code_can   TAGGGTTAGGGT 
_entity_poly.pdbx_strand_id                 A,B 
_entity_poly.pdbx_target_identifier         ? 
# 
loop_
_pdbx_entity_nonpoly.entity_id 
_pdbx_entity_nonpoly.name 
_pdbx_entity_nonpoly.comp_id 
2 'POTASSIUM ION'              K   
3 '13-diphenylalkyl Berberine' 50B 
4 water                        HOH 
# 
loop_
_entity_poly_seq.entity_id 
_entity_poly_seq.num 
_entity_poly_seq.mon_id 
_entity_poly_seq.hetero 
1 1  DT n 
1 2  DA n 
1 3  DG n 
1 4  DG n 
1 5  DG n 
1 6  DT n 
1 7  DT n 
1 8  DA n 
1 9  DG n 
1 10 DG n 
1 11 DG n 
1 12 DT n 
# 
_pdbx_entity_src_syn.entity_id              1 
_pdbx_entity_src_syn.pdbx_src_id            1 
_pdbx_entity_src_syn.pdbx_alt_source_flag   sample 
_pdbx_entity_src_syn.pdbx_beg_seq_num       1 
_pdbx_entity_src_syn.pdbx_end_seq_num       12 
_pdbx_entity_src_syn.organism_scientific    'Homo sapiens' 
_pdbx_entity_src_syn.organism_common_name   ? 
_pdbx_entity_src_syn.ncbi_taxonomy_id       9606 
_pdbx_entity_src_syn.details                ? 
# 
loop_
_chem_comp.id 
_chem_comp.type 
_chem_comp.mon_nstd_flag 
_chem_comp.name 
_chem_comp.pdbx_synonyms 
_chem_comp.formula 
_chem_comp.formula_weight 
50B non-polymer   . '13-diphenylalkyl Berberine'         ? 'C36 H34 N O4 1'  544.659 
DA  'DNA linking' y "2'-DEOXYADENOSINE-5'-MONOPHOSPHATE" ? 'C10 H14 N5 O6 P' 331.222 
DG  'DNA linking' y "2'-DEOXYGUANOSINE-5'-MONOPHOSPHATE" ? 'C10 H14 N5 O7 P' 347.221 
DT  'DNA linking' y "THYMIDINE-5'-MONOPHOSPHATE"         ? 'C10 H15 N2 O8 P' 322.208 
HOH non-polymer   . WATER                                ? 'H2 O'            18.015  
K   non-polymer   . 'POTASSIUM ION'                      ? 'K 1'             39.098  
# 
loop_
_pdbx_poly_seq_scheme.asym_id 
_pdbx_poly_seq_scheme.entity_id 
_pdbx_poly_seq_scheme.seq_id 
_pdbx_poly_seq_scheme.mon_id 
_pdbx_poly_seq_scheme.ndb_seq_num 
_pdbx_poly_seq_scheme.pdb_seq_num 
_pdbx_poly_seq_scheme.auth_seq_num 
_pdbx_poly_seq_scheme.pdb_mon_id 
_pdbx_poly_seq_scheme.auth_mon_id 
_pdbx_poly_seq_scheme.pdb_strand_id 
_pdbx_poly_seq_scheme.pdb_ins_code 
_pdbx_poly_seq_scheme.hetero 
A 1 1  DT 1  1  1  DT DT A . n 
A 1 2  DA 2  2  2  DA DA A . n 
A 1 3  DG 3  3  3  DG DG A . n 
A 1 4  DG 4  4  4  DG DG A . n 
A 1 5  DG 5  5  5  DG DG A . n 
A 1 6  DT 6  6  6  DT DT A . n 
A 1 7  DT 7  7  7  DT DT A . n 
A 1 8  DA 8  8  8  DA DA A . n 
A 1 9  DG 9  9  9  DG DG A . n 
A 1 10 DG 10 10 10 DG DG A . n 
A 1 11 DG 11 11 11 DG DG A . n 
A 1 12 DT 12 12 12 DT DT A . n 
B 1 1  DT 1  13 13 DT DT B . n 
B 1 2  DA 2  14 14 DA DA B . n 
B 1 3  DG 3  15 15 DG DG B . n 
B 1 4  DG 4  16 16 DG DG B . n 
B 1 5  DG 5  17 17 DG DG B . n 
B 1 6  DT 6  18 18 DT DT B . n 
B 1 7  DT 7  19 19 DT DT B . n 
B 1 8  DA 8  20 20 DA DA B . n 
B 1 9  DG 9  21 21 DG DG B . n 
B 1 10 DG 10 22 22 DG DG B . n 
B 1 11 DG 11 23 23 DG DG B . n 
B 1 12 DT 12 24 24 DT DT B . n 
# 
loop_
_pdbx_nonpoly_scheme.asym_id 
_pdbx_nonpoly_scheme.entity_id 
_pdbx_nonpoly_scheme.mon_id 
_pdbx_nonpoly_scheme.ndb_seq_num 
_pdbx_nonpoly_scheme.pdb_seq_num 
_pdbx_nonpoly_scheme.auth_seq_num 
_pdbx_nonpoly_scheme.pdb_mon_id 
_pdbx_nonpoly_scheme.auth_mon_id 
_pdbx_nonpoly_scheme.pdb_strand_id 
_pdbx_nonpoly_scheme.pdb_ins_code 
C 2 K   1  101 2  K   K   A . 
D 3 50B 1  102 1  50B BNX A . 
E 2 K   1  101 1  K   K   B . 
F 4 HOH 1  201 15 HOH HOH A . 
F 4 HOH 2  202 24 HOH HOH A . 
F 4 HOH 3  203 1  HOH HOH A . 
F 4 HOH 4  204 23 HOH HOH A . 
F 4 HOH 5  205 12 HOH HOH A . 
F 4 HOH 6  206 27 HOH HOH A . 
F 4 HOH 7  207 14 HOH HOH A . 
F 4 HOH 8  208 21 HOH HOH A . 
F 4 HOH 9  209 9  HOH HOH A . 
F 4 HOH 10 210 19 HOH HOH A . 
F 4 HOH 11 211 10 HOH HOH A . 
F 4 HOH 12 212 16 HOH HOH A . 
F 4 HOH 13 213 6  HOH HOH A . 
F 4 HOH 14 214 18 HOH HOH A . 
F 4 HOH 15 215 17 HOH HOH A . 
F 4 HOH 16 216 7  HOH HOH A . 
F 4 HOH 17 217 25 HOH HOH A . 
F 4 HOH 18 218 5  HOH HOH A . 
G 4 HOH 1  201 28 HOH HOH B . 
G 4 HOH 2  202 8  HOH HOH B . 
G 4 HOH 3  203 3  HOH HOH B . 
G 4 HOH 4  204 2  HOH HOH B . 
G 4 HOH 5  205 13 HOH HOH B . 
G 4 HOH 6  206 11 HOH HOH B . 
G 4 HOH 7  207 4  HOH HOH B . 
G 4 HOH 8  208 22 HOH HOH B . 
G 4 HOH 9  209 20 HOH HOH B . 
G 4 HOH 10 210 26 HOH HOH B . 
# 
loop_
_pdbx_unobs_or_zero_occ_atoms.id 
_pdbx_unobs_or_zero_occ_atoms.PDB_model_num 
_pdbx_unobs_or_zero_occ_atoms.polymer_flag 
_pdbx_unobs_or_zero_occ_atoms.occupancy_flag 
_pdbx_unobs_or_zero_occ_atoms.auth_asym_id 
_pdbx_unobs_or_zero_occ_atoms.auth_comp_id 
_pdbx_unobs_or_zero_occ_atoms.auth_seq_id 
_pdbx_unobs_or_zero_occ_atoms.PDB_ins_code 
_pdbx_unobs_or_zero_occ_atoms.auth_atom_id 
_pdbx_unobs_or_zero_occ_atoms.label_alt_id 
_pdbx_unobs_or_zero_occ_atoms.label_asym_id 
_pdbx_unobs_or_zero_occ_atoms.label_comp_id 
_pdbx_unobs_or_zero_occ_atoms.label_seq_id 
_pdbx_unobs_or_zero_occ_atoms.label_atom_id 
1  1 Y 1 A DT 1  ? "O5'" ? A DT 1  "O5'" 
2  1 Y 1 B DT 13 ? "O5'" ? B DT 1  "O5'" 
3  1 Y 1 B DT 13 ? "C5'" ? B DT 1  "C5'" 
4  1 Y 1 B DT 18 ? N1    ? B DT 6  N1    
5  1 Y 1 B DT 18 ? C2    ? B DT 6  C2    
6  1 Y 1 B DT 18 ? O2    ? B DT 6  O2    
7  1 Y 1 B DT 18 ? N3    ? B DT 6  N3    
8  1 Y 1 B DT 18 ? C4    ? B DT 6  C4    
9  1 Y 1 B DT 18 ? O4    ? B DT 6  O4    
10 1 Y 1 B DT 18 ? C5    ? B DT 6  C5    
11 1 Y 1 B DT 18 ? C7    ? B DT 6  C7    
12 1 Y 1 B DT 18 ? C6    ? B DT 6  C6    
13 1 Y 1 B DT 24 ? C2    ? B DT 12 C2    
14 1 Y 1 B DT 24 ? O2    ? B DT 12 O2    
15 1 Y 1 B DT 24 ? N3    ? B DT 12 N3    
16 1 Y 1 B DT 24 ? C4    ? B DT 12 C4    
17 1 Y 1 B DT 24 ? O4    ? B DT 12 O4    
18 1 Y 1 B DT 24 ? C5    ? B DT 12 C5    
19 1 Y 1 B DT 24 ? C7    ? B DT 12 C7    
20 1 Y 1 B DT 24 ? C6    ? B DT 12 C6    
# 
loop_
_software.citation_id 
_software.classification 
_software.compiler_name 
_software.compiler_version 
_software.contact_author 
_software.contact_author_email 
_software.date 
_software.description 
_software.dependencies 
_software.hardware 
_software.language 
_software.location 
_software.mods 
_software.name 
_software.os 
_software.os_version 
_software.type 
_software.version 
_software.pdbx_ordinal 
? 'data scaling'    ? ? ? ? ? ? ? ? ? ? ? XSCALE      ? ? ? .        1 
? phasing           ? ? ? ? ? ? ? ? ? ? ? PHASER      ? ? ? 2.5.6    2 
? refinement        ? ? ? ? ? ? ? ? ? ? ? REFMAC      ? ? ? 5.8.0073 3 
? 'data extraction' ? ? ? ? ? ? ? ? ? ? ? PDB_EXTRACT ? ? ? 3.15     4 
? 'data reduction'  ? ? ? ? ? ? ? ? ? ? ? XDS         ? ? ? .        5 
# 
_cell.angle_alpha                  90.000 
_cell.angle_alpha_esd              ? 
_cell.angle_beta                   90.000 
_cell.angle_beta_esd               ? 
_cell.angle_gamma                  90.000 
_cell.angle_gamma_esd              ? 
_cell.entry_id                     5CDB 
_cell.details                      ? 
_cell.formula_units_Z              ? 
_cell.length_a                     41.132 
_cell.length_a_esd                 ? 
_cell.length_b                     41.132 
_cell.length_b_esd                 ? 
_cell.length_c                     71.204 
_cell.length_c_esd                 ? 
_cell.volume                       ? 
_cell.volume_esd                   ? 
_cell.Z_PDB                        16 
_cell.reciprocal_angle_alpha       ? 
_cell.reciprocal_angle_beta        ? 
_cell.reciprocal_angle_gamma       ? 
_cell.reciprocal_angle_alpha_esd   ? 
_cell.reciprocal_angle_beta_esd    ? 
_cell.reciprocal_angle_gamma_esd   ? 
_cell.reciprocal_length_a          ? 
_cell.reciprocal_length_b          ? 
_cell.reciprocal_length_c          ? 
_cell.reciprocal_length_a_esd      ? 
_cell.reciprocal_length_b_esd      ? 
_cell.reciprocal_length_c_esd      ? 
_cell.pdbx_unique_axis             ? 
# 
_symmetry.entry_id                         5CDB 
_symmetry.cell_setting                     ? 
_symmetry.Int_Tables_number                92 
_symmetry.space_group_name_Hall            ? 
_symmetry.space_group_name_H-M             'P 41 21 2' 
_symmetry.pdbx_full_space_group_name_H-M   ? 
# 
_exptl.absorpt_coefficient_mu     ? 
_exptl.absorpt_correction_T_max   ? 
_exptl.absorpt_correction_T_min   ? 
_exptl.absorpt_correction_type    ? 
_exptl.absorpt_process_details    ? 
_exptl.entry_id                   5CDB 
_exptl.crystals_number            1 
_exptl.details                    ? 
_exptl.method                     'X-RAY DIFFRACTION' 
_exptl.method_details             ? 
# 
_exptl_crystal.colour                      ? 
_exptl_crystal.density_diffrn              ? 
_exptl_crystal.density_Matthews            2.00 
_exptl_crystal.density_method              ? 
_exptl_crystal.density_percent_sol         38.35 
_exptl_crystal.description                 ? 
_exptl_crystal.F_000                       ? 
_exptl_crystal.id                          1 
_exptl_crystal.preparation                 ? 
_exptl_crystal.size_max                    ? 
_exptl_crystal.size_mid                    ? 
_exptl_crystal.size_min                    ? 
_exptl_crystal.size_rad                    ? 
_exptl_crystal.colour_lustre               ? 
_exptl_crystal.colour_modifier             ? 
_exptl_crystal.colour_primary              ? 
_exptl_crystal.density_meas                ? 
_exptl_crystal.density_meas_esd            ? 
_exptl_crystal.density_meas_gt             ? 
_exptl_crystal.density_meas_lt             ? 
_exptl_crystal.density_meas_temp           ? 
_exptl_crystal.density_meas_temp_esd       ? 
_exptl_crystal.density_meas_temp_gt        ? 
_exptl_crystal.density_meas_temp_lt        ? 
_exptl_crystal.pdbx_crystal_image_url      ? 
_exptl_crystal.pdbx_crystal_image_format   ? 
_exptl_crystal.pdbx_mosaicity              ? 
_exptl_crystal.pdbx_mosaicity_esd          ? 
# 
_exptl_crystal_grow.apparatus       ? 
_exptl_crystal_grow.atmosphere      ? 
_exptl_crystal_grow.crystal_id      1 
_exptl_crystal_grow.details         ? 
_exptl_crystal_grow.method          'VAPOR DIFFUSION, SITTING DROP' 
_exptl_crystal_grow.method_ref      ? 
_exptl_crystal_grow.pH              6.5 
_exptl_crystal_grow.pressure        ? 
_exptl_crystal_grow.pressure_esd    ? 
_exptl_crystal_grow.seeding         ? 
_exptl_crystal_grow.seeding_ref     ? 
_exptl_crystal_grow.temp            296 
_exptl_crystal_grow.temp_details    ? 
_exptl_crystal_grow.temp_esd        ? 
_exptl_crystal_grow.time            ? 
_exptl_crystal_grow.pdbx_details    'ammonium sulphate, lithium sulphate, sodium cacodylate' 
_exptl_crystal_grow.pdbx_pH_range   ? 
# 
_diffrn.ambient_environment    ? 
_diffrn.ambient_temp           100 
_diffrn.ambient_temp_details   ? 
_diffrn.ambient_temp_esd       ? 
_diffrn.crystal_id             1 
_diffrn.crystal_support        ? 
_diffrn.crystal_treatment      ? 
_diffrn.details                ? 
_diffrn.id                     1 
_diffrn.ambient_pressure       ? 
_diffrn.ambient_pressure_esd   ? 
_diffrn.ambient_pressure_gt    ? 
_diffrn.ambient_pressure_lt    ? 
_diffrn.ambient_temp_gt        ? 
_diffrn.ambient_temp_lt        ? 
# 
_diffrn_detector.details                      ? 
_diffrn_detector.detector                     PIXEL 
_diffrn_detector.diffrn_id                    1 
_diffrn_detector.type                         'PSI PILATUS 6M' 
_diffrn_detector.area_resol_mean              ? 
_diffrn_detector.dtime                        ? 
_diffrn_detector.pdbx_frames_total            ? 
_diffrn_detector.pdbx_collection_time_total   ? 
_diffrn_detector.pdbx_collection_date         2014-05-08 
# 
_diffrn_radiation.collimation                      ? 
_diffrn_radiation.diffrn_id                        1 
_diffrn_radiation.filter_edge                      ? 
_diffrn_radiation.inhomogeneity                    ? 
_diffrn_radiation.monochromator                    ? 
_diffrn_radiation.polarisn_norm                    ? 
_diffrn_radiation.polarisn_ratio                   ? 
_diffrn_radiation.probe                            ? 
_diffrn_radiation.type                             ? 
_diffrn_radiation.xray_symbol                      ? 
_diffrn_radiation.wavelength_id                    1 
_diffrn_radiation.pdbx_monochromatic_or_laue_m_l   M 
_diffrn_radiation.pdbx_wavelength_list             ? 
_diffrn_radiation.pdbx_wavelength                  ? 
_diffrn_radiation.pdbx_diffrn_protocol             'SINGLE WAVELENGTH' 
_diffrn_radiation.pdbx_analyzer                    ? 
_diffrn_radiation.pdbx_scattering_type             x-ray 
# 
_diffrn_radiation_wavelength.id           1 
_diffrn_radiation_wavelength.wavelength   1.0000 
_diffrn_radiation_wavelength.wt           1.0 
# 
_diffrn_source.current                     ? 
_diffrn_source.details                     ? 
_diffrn_source.diffrn_id                   1 
_diffrn_source.power                       ? 
_diffrn_source.size                        ? 
_diffrn_source.source                      SYNCHROTRON 
_diffrn_source.target                      ? 
_diffrn_source.type                        'ESRF BEAMLINE ID23-1' 
_diffrn_source.voltage                     ? 
_diffrn_source.take-off_angle              ? 
_diffrn_source.pdbx_wavelength_list        1.0000 
_diffrn_source.pdbx_wavelength             ? 
_diffrn_source.pdbx_synchrotron_beamline   ID23-1 
_diffrn_source.pdbx_synchrotron_site       ESRF 
# 
_reflns.B_iso_Wilson_estimate            47.638 
_reflns.entry_id                         5CDB 
_reflns.data_reduction_details           ? 
_reflns.data_reduction_method            ? 
_reflns.d_resolution_high                1.700 
_reflns.d_resolution_low                 35.62 
_reflns.details                          ? 
_reflns.limit_h_max                      ? 
_reflns.limit_h_min                      ? 
_reflns.limit_k_max                      ? 
_reflns.limit_k_min                      ? 
_reflns.limit_l_max                      ? 
_reflns.limit_l_min                      ? 
_reflns.number_all                       ? 
_reflns.number_obs                       7183 
_reflns.observed_criterion               ? 
_reflns.observed_criterion_F_max         ? 
_reflns.observed_criterion_F_min         ? 
_reflns.observed_criterion_I_max         ? 
_reflns.observed_criterion_I_min         ? 
_reflns.observed_criterion_sigma_F       ? 
_reflns.observed_criterion_sigma_I       -3.000 
_reflns.percent_possible_obs             98.900 
_reflns.R_free_details                   ? 
_reflns.Rmerge_F_all                     ? 
_reflns.Rmerge_F_obs                     1.000 
_reflns.Friedel_coverage                 ? 
_reflns.number_gt                        ? 
_reflns.threshold_expression             ? 
_reflns.pdbx_redundancy                  25.5 
_reflns.pdbx_Rmerge_I_obs                0.062 
_reflns.pdbx_Rmerge_I_all                ? 
_reflns.pdbx_Rsym_value                  ? 
_reflns.pdbx_netI_over_av_sigmaI         ? 
_reflns.pdbx_netI_over_sigmaI            20.830 
_reflns.pdbx_res_netI_over_av_sigmaI_2   ? 
_reflns.pdbx_res_netI_over_sigmaI_2      ? 
_reflns.pdbx_chi_squared                 1.128 
_reflns.pdbx_scaling_rejects             ? 
_reflns.pdbx_d_res_high_opt              ? 
_reflns.pdbx_d_res_low_opt               ? 
_reflns.pdbx_d_res_opt_method            ? 
_reflns.phase_calculation_details        ? 
_reflns.pdbx_Rrim_I_all                  0.064 
_reflns.pdbx_Rpim_I_all                  ? 
_reflns.pdbx_d_opt                       ? 
_reflns.pdbx_number_measured_all         183179 
_reflns.pdbx_diffrn_id                   1 
_reflns.pdbx_ordinal                     1 
_reflns.pdbx_CC_half                     ? 
_reflns.pdbx_R_split                     ? 
# 
loop_
_reflns_shell.d_res_high 
_reflns_shell.d_res_low 
_reflns_shell.meanI_over_sigI_all 
_reflns_shell.meanI_over_sigI_obs 
_reflns_shell.number_measured_all 
_reflns_shell.number_measured_obs 
_reflns_shell.number_possible 
_reflns_shell.number_unique_all 
_reflns_shell.number_unique_obs 
_reflns_shell.percent_possible_all 
_reflns_shell.percent_possible_obs 
_reflns_shell.Rmerge_F_all 
_reflns_shell.Rmerge_F_obs 
_reflns_shell.Rmerge_I_all 
_reflns_shell.Rmerge_I_obs 
_reflns_shell.meanI_over_sigI_gt 
_reflns_shell.meanI_over_uI_all 
_reflns_shell.meanI_over_uI_gt 
_reflns_shell.number_measured_gt 
_reflns_shell.number_unique_gt 
_reflns_shell.percent_possible_gt 
_reflns_shell.Rmerge_F_gt 
_reflns_shell.Rmerge_I_gt 
_reflns_shell.pdbx_redundancy 
_reflns_shell.pdbx_Rsym_value 
_reflns_shell.pdbx_chi_squared 
_reflns_shell.pdbx_netI_over_sigmaI_all 
_reflns_shell.pdbx_netI_over_sigmaI_obs 
_reflns_shell.pdbx_Rrim_I_all 
_reflns_shell.pdbx_Rpim_I_all 
_reflns_shell.pdbx_rejects 
_reflns_shell.pdbx_ordinal 
_reflns_shell.pdbx_diffrn_id 
_reflns_shell.pdbx_CC_half 
_reflns_shell.pdbx_R_split 
1.700 1.800 ? 0.840  ? 12699 1138 ? 1061 93.200  ? ? 0.982 ? 2.012 ? ? ? ? ? ? ? ? 11.9 ? ? ? ? 2.103 ? 0 1 1 ? ? 
1.800 1.920 ? 1.220  ? 20866 1073 ? 1073 100.000 ? ? 0.787 ? 2.444 ? ? ? ? ? ? ? ? ?    ? ? ? ? 2.510 ? 0 2 1 ? ? 
1.920 2.080 ? 2.670  ? 31103 1005 ? 1005 100.000 ? ? 0.896 ? 1.592 ? ? ? ? ? ? ? ? ?    ? ? ? ? 1.619 ? 0 3 1 ? ? 
2.080 2.270 ? 5.570  ? 27857 927  ? 927  100.000 ? ? 0.978 ? 0.789 ? ? ? ? ? ? ? ? ?    ? ? ? ? 0.803 ? 0 4 1 ? ? 
2.270 2.540 ? 13.100 ? 26882 846  ? 846  100.000 ? ? 0.997 ? 0.328 ? ? ? ? ? ? ? ? ?    ? ? ? ? 0.333 ? 0 5 1 ? ? 
2.540 2.930 ? 28.350 ? 22590 762  ? 762  100.000 ? ? 1.000 ? 0.121 ? ? ? ? ? ? ? ? ?    ? ? ? ? 0.123 ? 0 6 1 ? ? 
2.930 3.580 ? 56.920 ? 18705 651  ? 651  100.000 ? ? 1.000 ? 0.041 ? ? ? ? ? ? ? ? ?    ? ? ? ? 0.042 ? 0 7 1 ? ? 
3.580 5.040 ? 79.710 ? 14534 523  ? 523  100.000 ? ? 1.000 ? 0.041 ? ? ? ? ? ? ? ? ?    ? ? ? ? 0.041 ? 0 8 1 ? ? 
5.040 ?     ? 84.070 ? 7943  335  ? 335  100.000 ? ? 0.999 ? 0.038 ? ? ? ? ? ? ? ? ?    ? ? ? ? 0.039 ? 0 9 1 ? ? 
# 
_refine.aniso_B[1][1]                            0.5000 
_refine.aniso_B[1][2]                            -0.0000 
_refine.aniso_B[1][3]                            -0.0000 
_refine.aniso_B[2][2]                            0.5000 
_refine.aniso_B[2][3]                            -0.0000 
_refine.aniso_B[3][3]                            -1.0100 
_refine.B_iso_max                                109.800 
_refine.B_iso_mean                               45.8850 
_refine.B_iso_min                                29.290 
_refine.correlation_coeff_Fo_to_Fc               0.9760 
_refine.correlation_coeff_Fo_to_Fc_free          0.9290 
_refine.details                                  'U VALUES      : REFINED INDIVIDUALLY' 
_refine.diff_density_max                         ? 
_refine.diff_density_max_esd                     ? 
_refine.diff_density_min                         ? 
_refine.diff_density_min_esd                     ? 
_refine.diff_density_rms                         ? 
_refine.diff_density_rms_esd                     ? 
_refine.entry_id                                 5CDB 
_refine.pdbx_refine_id                           'X-RAY DIFFRACTION' 
_refine.ls_abs_structure_details                 ? 
_refine.ls_abs_structure_Flack                   ? 
_refine.ls_abs_structure_Flack_esd               ? 
_refine.ls_abs_structure_Rogers                  ? 
_refine.ls_abs_structure_Rogers_esd              ? 
_refine.ls_d_res_high                            1.7000 
_refine.ls_d_res_low                             35.6200 
_refine.ls_extinction_coef                       ? 
_refine.ls_extinction_coef_esd                   ? 
_refine.ls_extinction_expression                 ? 
_refine.ls_extinction_method                     ? 
_refine.ls_goodness_of_fit_all                   ? 
_refine.ls_goodness_of_fit_all_esd               ? 
_refine.ls_goodness_of_fit_obs                   ? 
_refine.ls_goodness_of_fit_obs_esd               ? 
_refine.ls_hydrogen_treatment                    ? 
_refine.ls_matrix_type                           ? 
_refine.ls_number_constraints                    ? 
_refine.ls_number_parameters                     ? 
_refine.ls_number_reflns_all                     ? 
_refine.ls_number_reflns_obs                     7120 
_refine.ls_number_reflns_R_free                  355 
_refine.ls_number_reflns_R_work                  ? 
_refine.ls_number_restraints                     ? 
_refine.ls_percent_reflns_obs                    99.0800 
_refine.ls_percent_reflns_R_free                 5.0000 
_refine.ls_R_factor_all                          ? 
_refine.ls_R_factor_obs                          0.2335 
_refine.ls_R_factor_R_free                       0.2841 
_refine.ls_R_factor_R_free_error                 ? 
_refine.ls_R_factor_R_free_error_details         ? 
_refine.ls_R_factor_R_work                       0.2311 
_refine.ls_R_Fsqd_factor_obs                     ? 
_refine.ls_R_I_factor_obs                        ? 
_refine.ls_redundancy_reflns_all                 ? 
_refine.ls_redundancy_reflns_obs                 ? 
_refine.ls_restrained_S_all                      ? 
_refine.ls_restrained_S_obs                      ? 
_refine.ls_shift_over_esd_max                    ? 
_refine.ls_shift_over_esd_mean                   ? 
_refine.ls_structure_factor_coef                 ? 
_refine.ls_weighting_details                     ? 
_refine.ls_weighting_scheme                      ? 
_refine.ls_wR_factor_all                         ? 
_refine.ls_wR_factor_obs                         ? 
_refine.ls_wR_factor_R_free                      0.2935 
_refine.ls_wR_factor_R_work                      0.2343 
_refine.occupancy_max                            ? 
_refine.occupancy_min                            ? 
_refine.solvent_model_details                    MASK 
_refine.solvent_model_param_bsol                 ? 
_refine.solvent_model_param_ksol                 ? 
_refine.ls_R_factor_gt                           ? 
_refine.ls_goodness_of_fit_gt                    ? 
_refine.ls_goodness_of_fit_ref                   ? 
_refine.ls_shift_over_su_max                     ? 
_refine.ls_shift_over_su_max_lt                  ? 
_refine.ls_shift_over_su_mean                    ? 
_refine.ls_shift_over_su_mean_lt                 ? 
_refine.pdbx_ls_sigma_I                          ? 
_refine.pdbx_ls_sigma_F                          0.000 
_refine.pdbx_ls_sigma_Fsqd                       ? 
_refine.pdbx_data_cutoff_high_absF               ? 
_refine.pdbx_data_cutoff_high_rms_absF           ? 
_refine.pdbx_data_cutoff_low_absF                ? 
_refine.pdbx_isotropic_thermal_model             ? 
_refine.pdbx_ls_cross_valid_method               THROUGHOUT 
_refine.pdbx_method_to_determine_struct          'MOLECULAR REPLACEMENT' 
_refine.pdbx_starting_model                      4P1D 
_refine.pdbx_stereochemistry_target_values       'MAXIMUM LIKELIHOOD' 
_refine.pdbx_R_Free_selection_details            RANDOM 
_refine.pdbx_stereochem_target_val_spec_case     ? 
_refine.pdbx_overall_ESU_R                       0.1400 
_refine.pdbx_overall_ESU_R_Free                  0.1410 
_refine.pdbx_solvent_vdw_probe_radii             1.2000 
_refine.pdbx_solvent_ion_probe_radii             0.8000 
_refine.pdbx_solvent_shrinkage_radii             0.8000 
_refine.pdbx_real_space_R                        ? 
_refine.pdbx_density_correlation                 ? 
_refine.pdbx_pd_number_of_powder_patterns        ? 
_refine.pdbx_pd_number_of_points                 ? 
_refine.pdbx_pd_meas_number_of_points            ? 
_refine.pdbx_pd_proc_ls_prof_R_factor            ? 
_refine.pdbx_pd_proc_ls_prof_wR_factor           ? 
_refine.pdbx_pd_Marquardt_correlation_coeff      ? 
_refine.pdbx_pd_Fsqrd_R_factor                   ? 
_refine.pdbx_pd_ls_matrix_band_width             ? 
_refine.pdbx_overall_phase_error                 ? 
_refine.pdbx_overall_SU_R_free_Cruickshank_DPI   ? 
_refine.pdbx_overall_SU_R_free_Blow_DPI          ? 
_refine.pdbx_overall_SU_R_Blow_DPI               ? 
_refine.pdbx_TLS_residual_ADP_flag               ? 
_refine.pdbx_diffrn_id                           1 
_refine.overall_SU_B                             4.6810 
_refine.overall_SU_ML                            0.1310 
_refine.overall_SU_R_Cruickshank_DPI             0.1397 
_refine.overall_SU_R_free                        0.1409 
_refine.overall_FOM_free_R_set                   ? 
_refine.overall_FOM_work_R_set                   0.6624 
_refine.pdbx_average_fsc_overall                 ? 
_refine.pdbx_average_fsc_work                    ? 
_refine.pdbx_average_fsc_free                    ? 
# 
_refine_hist.cycle_id                         final 
_refine_hist.pdbx_refine_id                   'X-RAY DIFFRACTION' 
_refine_hist.d_res_high                       1.7000 
_refine_hist.d_res_low                        35.6200 
_refine_hist.pdbx_number_atoms_ligand         43 
_refine_hist.number_atoms_solvent             28 
_refine_hist.number_atoms_total               553 
_refine_hist.pdbx_number_residues_total       24 
_refine_hist.pdbx_B_iso_mean_ligand           52.72 
_refine_hist.pdbx_B_iso_mean_solvent          60.87 
_refine_hist.pdbx_number_atoms_protein        0 
_refine_hist.pdbx_number_atoms_nucleic_acid   482 
# 
loop_
_refine_ls_restr.pdbx_refine_id 
_refine_ls_restr.criterion 
_refine_ls_restr.dev_ideal 
_refine_ls_restr.dev_ideal_target 
_refine_ls_restr.number 
_refine_ls_restr.rejects 
_refine_ls_restr.type 
_refine_ls_restr.weight 
_refine_ls_restr.pdbx_restraint_function 
'X-RAY DIFFRACTION' ? 0.006 0.014 589 ? r_bond_refined_d     ? ? 
'X-RAY DIFFRACTION' ? 1.813 1.679 905 ? r_angle_refined_deg  ? ? 
'X-RAY DIFFRACTION' ? 0.105 0.200 72  ? r_chiral_restr       ? ? 
'X-RAY DIFFRACTION' ? 0.009 0.020 286 ? r_gen_planes_refined ? ? 
'X-RAY DIFFRACTION' ? 3.291 4.863 587 ? r_scbond_it          ? ? 
# 
_struct.entry_id                     5CDB 
_struct.title                        
'Structure of the complex of a bimolecular human telomeric DNA with a 13-diphenylalkyl Berberine derivative' 
_struct.pdbx_model_details           ? 
_struct.pdbx_formula_weight          ? 
_struct.pdbx_formula_weight_method   ? 
_struct.pdbx_model_type_details      ? 
_struct.pdbx_CASP_flag               ? 
# 
_struct_keywords.entry_id        5CDB 
_struct_keywords.text            'DRUG-DNA COMPLEX, G-QUADRUPLEX, DNA' 
_struct_keywords.pdbx_keywords   DNA 
# 
loop_
_struct_asym.id 
_struct_asym.pdbx_blank_PDB_chainid_flag 
_struct_asym.pdbx_modified 
_struct_asym.entity_id 
_struct_asym.details 
A N N 1 ? 
B N N 1 ? 
C N N 2 ? 
D N N 3 ? 
E N N 2 ? 
F N N 4 ? 
G N N 4 ? 
# 
_struct_ref.id                         1 
_struct_ref.db_name                    PDB 
_struct_ref.db_code                    5CDB 
_struct_ref.pdbx_db_accession          5CDB 
_struct_ref.pdbx_db_isoform            ? 
_struct_ref.entity_id                  1 
_struct_ref.pdbx_seq_one_letter_code   ? 
_struct_ref.pdbx_align_begin           1 
# 
loop_
_struct_ref_seq.align_id 
_struct_ref_seq.ref_id 
_struct_ref_seq.pdbx_PDB_id_code 
_struct_ref_seq.pdbx_strand_id 
_struct_ref_seq.seq_align_beg 
_struct_ref_seq.pdbx_seq_align_beg_ins_code 
_struct_ref_seq.seq_align_end 
_struct_ref_seq.pdbx_seq_align_end_ins_code 
_struct_ref_seq.pdbx_db_accession 
_struct_ref_seq.db_align_beg 
_struct_ref_seq.pdbx_db_align_beg_ins_code 
_struct_ref_seq.db_align_end 
_struct_ref_seq.pdbx_db_align_end_ins_code 
_struct_ref_seq.pdbx_auth_seq_align_beg 
_struct_ref_seq.pdbx_auth_seq_align_end 
1 1 5CDB A 1 ? 12 ? 5CDB 1  ? 12 ? 1  12 
2 1 5CDB B 1 ? 12 ? 5CDB 13 ? 24 ? 13 24 
# 
_pdbx_struct_assembly.id                   1 
_pdbx_struct_assembly.details              software_defined_assembly 
_pdbx_struct_assembly.method_details       PISA 
_pdbx_struct_assembly.oligomeric_details   dimeric 
_pdbx_struct_assembly.oligomeric_count     2 
# 
loop_
_pdbx_struct_assembly_prop.biol_id 
_pdbx_struct_assembly_prop.type 
_pdbx_struct_assembly_prop.value 
_pdbx_struct_assembly_prop.details 
1 'ABSA (A^2)' 1950 ? 
1 MORE         -8   ? 
1 'SSA (A^2)'  4560 ? 
# 
_pdbx_struct_assembly_gen.assembly_id       1 
_pdbx_struct_assembly_gen.oper_expression   1 
_pdbx_struct_assembly_gen.asym_id_list      A,B,C,D,E,F,G 
# 
_pdbx_struct_oper_list.id                   1 
_pdbx_struct_oper_list.type                 'identity operation' 
_pdbx_struct_oper_list.name                 1_555 
_pdbx_struct_oper_list.symmetry_operation   x,y,z 
_pdbx_struct_oper_list.matrix[1][1]         1.0000000000 
_pdbx_struct_oper_list.matrix[1][2]         0.0000000000 
_pdbx_struct_oper_list.matrix[1][3]         0.0000000000 
_pdbx_struct_oper_list.vector[1]            0.0000000000 
_pdbx_struct_oper_list.matrix[2][1]         0.0000000000 
_pdbx_struct_oper_list.matrix[2][2]         1.0000000000 
_pdbx_struct_oper_list.matrix[2][3]         0.0000000000 
_pdbx_struct_oper_list.vector[2]            0.0000000000 
_pdbx_struct_oper_list.matrix[3][1]         0.0000000000 
_pdbx_struct_oper_list.matrix[3][2]         0.0000000000 
_pdbx_struct_oper_list.matrix[3][3]         1.0000000000 
_pdbx_struct_oper_list.vector[3]            0.0000000000 
# 
loop_
_struct_conn.id 
_struct_conn.conn_type_id 
_struct_conn.pdbx_leaving_atom_flag 
_struct_conn.pdbx_PDB_id 
_struct_conn.ptnr1_label_asym_id 
_struct_conn.ptnr1_label_comp_id 
_struct_conn.ptnr1_label_seq_id 
_struct_conn.ptnr1_label_atom_id 
_struct_conn.pdbx_ptnr1_label_alt_id 
_struct_conn.pdbx_ptnr1_PDB_ins_code 
_struct_conn.pdbx_ptnr1_standard_comp_id 
_struct_conn.ptnr1_symmetry 
_struct_conn.ptnr2_label_asym_id 
_struct_conn.ptnr2_label_comp_id 
_struct_conn.ptnr2_label_seq_id 
_struct_conn.ptnr2_label_atom_id 
_struct_conn.pdbx_ptnr2_label_alt_id 
_struct_conn.pdbx_ptnr2_PDB_ins_code 
_struct_conn.ptnr1_auth_asym_id 
_struct_conn.ptnr1_auth_comp_id 
_struct_conn.ptnr1_auth_seq_id 
_struct_conn.ptnr2_auth_asym_id 
_struct_conn.ptnr2_auth_comp_id 
_struct_conn.ptnr2_auth_seq_id 
_struct_conn.ptnr2_symmetry 
_struct_conn.pdbx_ptnr3_label_atom_id 
_struct_conn.pdbx_ptnr3_label_seq_id 
_struct_conn.pdbx_ptnr3_label_comp_id 
_struct_conn.pdbx_ptnr3_label_asym_id 
_struct_conn.pdbx_ptnr3_label_alt_id 
_struct_conn.pdbx_ptnr3_PDB_ins_code 
_struct_conn.details 
_struct_conn.pdbx_dist_value 
_struct_conn.pdbx_value_order 
_struct_conn.pdbx_role 
metalc1  metalc ? ? A DG 3  O6 ? ? ? 1_555 E K  .  K  ? ? A DG 3   B K  101 1_555 ? ? ? ? ? ? ?                       2.658 ? ? 
metalc2  metalc ? ? A DG 4  O6 ? ? ? 1_555 C K  .  K  ? ? A DG 4   A K  101 1_555 ? ? ? ? ? ? ?                       2.893 ? ? 
metalc3  metalc ? ? A DG 4  O6 ? ? ? 1_555 E K  .  K  ? ? A DG 4   B K  101 1_555 ? ? ? ? ? ? ?                       2.856 ? ? 
metalc4  metalc ? ? A DG 5  O6 ? ? ? 1_555 C K  .  K  ? ? A DG 5   A K  101 1_555 ? ? ? ? ? ? ?                       2.725 ? ? 
metalc5  metalc ? ? A DG 9  O6 ? ? ? 1_555 E K  .  K  ? ? A DG 9   B K  101 1_555 ? ? ? ? ? ? ?                       2.756 ? ? 
metalc6  metalc ? ? A DG 10 O6 ? ? ? 1_555 C K  .  K  ? ? A DG 10  A K  101 1_555 ? ? ? ? ? ? ?                       2.886 ? ? 
metalc7  metalc ? ? A DG 10 O6 ? ? ? 1_555 E K  .  K  ? ? A DG 10  B K  101 1_555 ? ? ? ? ? ? ?                       2.838 ? ? 
metalc8  metalc ? ? A DG 11 O6 ? ? ? 1_555 C K  .  K  ? ? A DG 11  A K  101 1_555 ? ? ? ? ? ? ?                       2.745 ? ? 
metalc9  metalc ? ? C K  .  K  ? ? ? 1_555 B DG 4  O6 ? ? A K  101 B DG 16  1_555 ? ? ? ? ? ? ?                       2.889 ? ? 
metalc10 metalc ? ? C K  .  K  ? ? ? 1_555 B DG 5  O6 ? ? A K  101 B DG 17  1_555 ? ? ? ? ? ? ?                       2.657 ? ? 
metalc11 metalc ? ? C K  .  K  ? ? ? 1_555 B DG 10 O6 ? ? A K  101 B DG 22  1_555 ? ? ? ? ? ? ?                       2.862 ? ? 
metalc12 metalc ? ? C K  .  K  ? ? ? 1_555 B DG 11 O6 ? ? A K  101 B DG 23  1_555 ? ? ? ? ? ? ?                       2.689 ? ? 
metalc13 metalc ? ? B DG 3  O6 ? ? ? 1_555 E K  .  K  ? ? B DG 15  B K  101 1_555 ? ? ? ? ? ? ?                       2.602 ? ? 
metalc14 metalc ? ? B DG 4  O6 ? ? ? 1_555 E K  .  K  ? ? B DG 16  B K  101 1_555 ? ? ? ? ? ? ?                       2.852 ? ? 
metalc15 metalc ? ? B DG 9  O6 ? ? ? 1_555 E K  .  K  ? ? B DG 21  B K  101 1_555 ? ? ? ? ? ? ?                       2.813 ? ? 
metalc16 metalc ? ? B DG 10 O6 ? ? ? 1_555 E K  .  K  ? ? B DG 22  B K  101 1_555 ? ? ? ? ? ? ?                       2.886 ? ? 
hydrog1  hydrog ? ? A DT 1  N3 ? ? ? 1_555 B DA 2  N1 ? ? A DT 1   B DA 14  1_555 ? ? ? ? ? ? 'REVERSED WATSON-CRICK' ?     ? ? 
hydrog2  hydrog ? ? A DT 1  O2 ? ? ? 1_555 B DA 2  N6 ? ? A DT 1   B DA 14  1_555 ? ? ? ? ? ? 'REVERSED WATSON-CRICK' ?     ? ? 
hydrog3  hydrog ? ? A DA 2  N1 ? ? ? 1_555 B DT 1  N3 ? ? A DA 2   B DT 13  1_555 ? ? ? ? ? ? 'REVERSED WATSON-CRICK' ?     ? ? 
hydrog4  hydrog ? ? A DA 2  N6 ? ? ? 1_555 B DT 1  O2 ? ? A DA 2   B DT 13  1_555 ? ? ? ? ? ? 'REVERSED WATSON-CRICK' ?     ? ? 
hydrog5  hydrog ? ? A DG 3  N1 ? ? ? 1_555 A DG 9  O6 ? ? A DG 3   A DG 9   1_555 ? ? ? ? ? ? TYPE_6_PAIR             ?     ? ? 
hydrog6  hydrog ? ? A DG 3  N2 ? ? ? 1_555 A DG 9  N7 ? ? A DG 3   A DG 9   1_555 ? ? ? ? ? ? TYPE_6_PAIR             ?     ? ? 
hydrog7  hydrog ? ? A DG 3  N7 ? ? ? 1_555 B DG 9  N2 ? ? A DG 3   B DG 21  1_555 ? ? ? ? ? ? TYPE_6_PAIR             ?     ? ? 
hydrog8  hydrog ? ? A DG 3  O6 ? ? ? 1_555 B DG 9  N1 ? ? A DG 3   B DG 21  1_555 ? ? ? ? ? ? TYPE_6_PAIR             ?     ? ? 
hydrog9  hydrog ? ? A DG 4  N1 ? ? ? 1_555 A DG 10 O6 ? ? A DG 4   A DG 10  1_555 ? ? ? ? ? ? TYPE_6_PAIR             ?     ? ? 
hydrog10 hydrog ? ? A DG 4  N2 ? ? ? 1_555 A DG 10 N7 ? ? A DG 4   A DG 10  1_555 ? ? ? ? ? ? TYPE_6_PAIR             ?     ? ? 
hydrog11 hydrog ? ? A DG 4  N7 ? ? ? 1_555 B DG 10 N2 ? ? A DG 4   B DG 22  1_555 ? ? ? ? ? ? TYPE_6_PAIR             ?     ? ? 
hydrog12 hydrog ? ? A DG 4  O6 ? ? ? 1_555 B DG 10 N1 ? ? A DG 4   B DG 22  1_555 ? ? ? ? ? ? TYPE_6_PAIR             ?     ? ? 
hydrog13 hydrog ? ? A DG 5  N1 ? ? ? 1_555 A DG 11 O6 ? ? A DG 5   A DG 11  1_555 ? ? ? ? ? ? TYPE_6_PAIR             ?     ? ? 
hydrog14 hydrog ? ? A DG 5  N2 ? ? ? 1_555 A DG 11 N7 ? ? A DG 5   A DG 11  1_555 ? ? ? ? ? ? TYPE_6_PAIR             ?     ? ? 
hydrog15 hydrog ? ? A DG 5  N7 ? ? ? 1_555 B DG 11 N2 ? ? A DG 5   B DG 23  1_555 ? ? ? ? ? ? TYPE_6_PAIR             ?     ? ? 
hydrog16 hydrog ? ? A DG 5  O6 ? ? ? 1_555 B DG 11 N1 ? ? A DG 5   B DG 23  1_555 ? ? ? ? ? ? TYPE_6_PAIR             ?     ? ? 
hydrog17 hydrog ? ? A DG 9  N1 ? ? ? 1_555 B DG 3  O6 ? ? A DG 9   B DG 15  1_555 ? ? ? ? ? ? TYPE_6_PAIR             ?     ? ? 
hydrog18 hydrog ? ? A DG 9  N2 ? ? ? 1_555 B DG 3  N7 ? ? A DG 9   B DG 15  1_555 ? ? ? ? ? ? TYPE_6_PAIR             ?     ? ? 
hydrog19 hydrog ? ? A DG 10 N1 ? ? ? 1_555 B DG 4  O6 ? ? A DG 10  B DG 16  1_555 ? ? ? ? ? ? TYPE_6_PAIR             ?     ? ? 
hydrog20 hydrog ? ? A DG 10 N2 ? ? ? 1_555 B DG 4  N7 ? ? A DG 10  B DG 16  1_555 ? ? ? ? ? ? TYPE_6_PAIR             ?     ? ? 
hydrog21 hydrog ? ? A DG 11 N1 ? ? ? 1_555 B DG 5  O6 ? ? A DG 11  B DG 17  1_555 ? ? ? ? ? ? TYPE_6_PAIR             ?     ? ? 
hydrog22 hydrog ? ? A DG 11 N2 ? ? ? 1_555 B DG 5  N7 ? ? A DG 11  B DG 17  1_555 ? ? ? ? ? ? TYPE_6_PAIR             ?     ? ? 
hydrog23 hydrog ? ? B DG 3  N1 ? ? ? 1_555 B DG 9  O6 ? ? B DG 15  B DG 21  1_555 ? ? ? ? ? ? TYPE_6_PAIR             ?     ? ? 
hydrog24 hydrog ? ? B DG 3  N2 ? ? ? 1_555 B DG 9  N7 ? ? B DG 15  B DG 21  1_555 ? ? ? ? ? ? TYPE_6_PAIR             ?     ? ? 
hydrog25 hydrog ? ? B DG 4  N1 ? ? ? 1_555 B DG 10 O6 ? ? B DG 16  B DG 22  1_555 ? ? ? ? ? ? TYPE_6_PAIR             ?     ? ? 
hydrog26 hydrog ? ? B DG 4  N2 ? ? ? 1_555 B DG 10 N7 ? ? B DG 16  B DG 22  1_555 ? ? ? ? ? ? TYPE_6_PAIR             ?     ? ? 
hydrog27 hydrog ? ? B DG 5  N1 ? ? ? 1_555 B DG 11 O6 ? ? B DG 17  B DG 23  1_555 ? ? ? ? ? ? TYPE_6_PAIR             ?     ? ? 
hydrog28 hydrog ? ? B DG 5  N2 ? ? ? 1_555 B DG 11 N7 ? ? B DG 17  B DG 23  1_555 ? ? ? ? ? ? TYPE_6_PAIR             ?     ? ? 
# 
loop_
_struct_conn_type.id 
_struct_conn_type.criteria 
_struct_conn_type.reference 
metalc ? ? 
hydrog ? ? 
# 
loop_
_pdbx_struct_conn_angle.id 
_pdbx_struct_conn_angle.ptnr1_label_atom_id 
_pdbx_struct_conn_angle.ptnr1_label_alt_id 
_pdbx_struct_conn_angle.ptnr1_label_asym_id 
_pdbx_struct_conn_angle.ptnr1_label_comp_id 
_pdbx_struct_conn_angle.ptnr1_label_seq_id 
_pdbx_struct_conn_angle.ptnr1_auth_atom_id 
_pdbx_struct_conn_angle.ptnr1_auth_asym_id 
_pdbx_struct_conn_angle.ptnr1_auth_comp_id 
_pdbx_struct_conn_angle.ptnr1_auth_seq_id 
_pdbx_struct_conn_angle.ptnr1_PDB_ins_code 
_pdbx_struct_conn_angle.ptnr1_symmetry 
_pdbx_struct_conn_angle.ptnr2_label_atom_id 
_pdbx_struct_conn_angle.ptnr2_label_alt_id 
_pdbx_struct_conn_angle.ptnr2_label_asym_id 
_pdbx_struct_conn_angle.ptnr2_label_comp_id 
_pdbx_struct_conn_angle.ptnr2_label_seq_id 
_pdbx_struct_conn_angle.ptnr2_auth_atom_id 
_pdbx_struct_conn_angle.ptnr2_auth_asym_id 
_pdbx_struct_conn_angle.ptnr2_auth_comp_id 
_pdbx_struct_conn_angle.ptnr2_auth_seq_id 
_pdbx_struct_conn_angle.ptnr2_PDB_ins_code 
_pdbx_struct_conn_angle.ptnr2_symmetry 
_pdbx_struct_conn_angle.ptnr3_label_atom_id 
_pdbx_struct_conn_angle.ptnr3_label_alt_id 
_pdbx_struct_conn_angle.ptnr3_label_asym_id 
_pdbx_struct_conn_angle.ptnr3_label_comp_id 
_pdbx_struct_conn_angle.ptnr3_label_seq_id 
_pdbx_struct_conn_angle.ptnr3_auth_atom_id 
_pdbx_struct_conn_angle.ptnr3_auth_asym_id 
_pdbx_struct_conn_angle.ptnr3_auth_comp_id 
_pdbx_struct_conn_angle.ptnr3_auth_seq_id 
_pdbx_struct_conn_angle.ptnr3_PDB_ins_code 
_pdbx_struct_conn_angle.ptnr3_symmetry 
_pdbx_struct_conn_angle.value 
_pdbx_struct_conn_angle.value_esd 
1  O6 ? A DG 3  ? A DG 3  ? 1_555 K ? E K . ? B K 101 ? 1_555 O6 ? A DG 4  ? A DG 4  ? 1_555 74.1  ? 
2  O6 ? A DG 3  ? A DG 3  ? 1_555 K ? E K . ? B K 101 ? 1_555 O6 ? A DG 9  ? A DG 9  ? 1_555 72.9  ? 
3  O6 ? A DG 4  ? A DG 4  ? 1_555 K ? E K . ? B K 101 ? 1_555 O6 ? A DG 9  ? A DG 9  ? 1_555 89.2  ? 
4  O6 ? A DG 3  ? A DG 3  ? 1_555 K ? E K . ? B K 101 ? 1_555 O6 ? A DG 10 ? A DG 10 ? 1_555 131.4 ? 
5  O6 ? A DG 4  ? A DG 4  ? 1_555 K ? E K . ? B K 101 ? 1_555 O6 ? A DG 10 ? A DG 10 ? 1_555 66.9  ? 
6  O6 ? A DG 9  ? A DG 9  ? 1_555 K ? E K . ? B K 101 ? 1_555 O6 ? A DG 10 ? A DG 10 ? 1_555 78.6  ? 
7  O6 ? A DG 3  ? A DG 3  ? 1_555 K ? E K . ? B K 101 ? 1_555 O6 ? B DG 3  ? B DG 15 ? 1_555 120.9 ? 
8  O6 ? A DG 4  ? A DG 4  ? 1_555 K ? E K . ? B K 101 ? 1_555 O6 ? B DG 3  ? B DG 15 ? 1_555 152.1 ? 
9  O6 ? A DG 9  ? A DG 9  ? 1_555 K ? E K . ? B K 101 ? 1_555 O6 ? B DG 3  ? B DG 15 ? 1_555 75.0  ? 
10 O6 ? A DG 10 ? A DG 10 ? 1_555 K ? E K . ? B K 101 ? 1_555 O6 ? B DG 3  ? B DG 15 ? 1_555 87.3  ? 
11 O6 ? A DG 3  ? A DG 3  ? 1_555 K ? E K . ? B K 101 ? 1_555 O6 ? B DG 4  ? B DG 16 ? 1_555 151.8 ? 
12 O6 ? A DG 4  ? A DG 4  ? 1_555 K ? E K . ? B K 101 ? 1_555 O6 ? B DG 4  ? B DG 16 ? 1_555 104.2 ? 
13 O6 ? A DG 9  ? A DG 9  ? 1_555 K ? E K . ? B K 101 ? 1_555 O6 ? B DG 4  ? B DG 16 ? 1_555 135.1 ? 
14 O6 ? A DG 10 ? A DG 10 ? 1_555 K ? E K . ? B K 101 ? 1_555 O6 ? B DG 4  ? B DG 16 ? 1_555 68.5  ? 
15 O6 ? B DG 3  ? B DG 15 ? 1_555 K ? E K . ? B K 101 ? 1_555 O6 ? B DG 4  ? B DG 16 ? 1_555 73.8  ? 
16 O6 ? A DG 3  ? A DG 3  ? 1_555 K ? E K . ? B K 101 ? 1_555 O6 ? B DG 9  ? B DG 21 ? 1_555 74.8  ? 
17 O6 ? A DG 4  ? A DG 4  ? 1_555 K ? E K . ? B K 101 ? 1_555 O6 ? B DG 9  ? B DG 21 ? 1_555 133.7 ? 
18 O6 ? A DG 9  ? A DG 9  ? 1_555 K ? E K . ? B K 101 ? 1_555 O6 ? B DG 9  ? B DG 21 ? 1_555 113.1 ? 
19 O6 ? A DG 10 ? A DG 10 ? 1_555 K ? E K . ? B K 101 ? 1_555 O6 ? B DG 9  ? B DG 21 ? 1_555 153.8 ? 
20 O6 ? B DG 3  ? B DG 15 ? 1_555 K ? E K . ? B K 101 ? 1_555 O6 ? B DG 9  ? B DG 21 ? 1_555 74.2  ? 
21 O6 ? B DG 4  ? B DG 16 ? 1_555 K ? E K . ? B K 101 ? 1_555 O6 ? B DG 9  ? B DG 21 ? 1_555 88.3  ? 
22 O6 ? A DG 3  ? A DG 3  ? 1_555 K ? E K . ? B K 101 ? 1_555 O6 ? B DG 10 ? B DG 22 ? 1_555 87.5  ? 
23 O6 ? A DG 4  ? A DG 4  ? 1_555 K ? E K . ? B K 101 ? 1_555 O6 ? B DG 10 ? B DG 22 ? 1_555 68.6  ? 
24 O6 ? A DG 9  ? A DG 9  ? 1_555 K ? E K . ? B K 101 ? 1_555 O6 ? B DG 10 ? B DG 22 ? 1_555 153.9 ? 
25 O6 ? A DG 10 ? A DG 10 ? 1_555 K ? E K . ? B K 101 ? 1_555 O6 ? B DG 10 ? B DG 22 ? 1_555 103.4 ? 
26 O6 ? B DG 3  ? B DG 15 ? 1_555 K ? E K . ? B K 101 ? 1_555 O6 ? B DG 10 ? B DG 22 ? 1_555 130.8 ? 
27 O6 ? B DG 4  ? B DG 16 ? 1_555 K ? E K . ? B K 101 ? 1_555 O6 ? B DG 10 ? B DG 22 ? 1_555 66.5  ? 
28 O6 ? B DG 9  ? B DG 21 ? 1_555 K ? E K . ? B K 101 ? 1_555 O6 ? B DG 10 ? B DG 22 ? 1_555 76.6  ? 
29 O6 ? A DG 4  ? A DG 4  ? 1_555 K ? C K . ? A K 101 ? 1_555 O6 ? A DG 5  ? A DG 5  ? 1_555 70.7  ? 
30 O6 ? A DG 4  ? A DG 4  ? 1_555 K ? C K . ? A K 101 ? 1_555 O6 ? A DG 10 ? A DG 10 ? 1_555 65.7  ? 
31 O6 ? A DG 5  ? A DG 5  ? 1_555 K ? C K . ? A K 101 ? 1_555 O6 ? A DG 10 ? A DG 10 ? 1_555 90.2  ? 
32 O6 ? A DG 4  ? A DG 4  ? 1_555 K ? C K . ? A K 101 ? 1_555 O6 ? A DG 11 ? A DG 11 ? 1_555 126.1 ? 
33 O6 ? A DG 5  ? A DG 5  ? 1_555 K ? C K . ? A K 101 ? 1_555 O6 ? A DG 11 ? A DG 11 ? 1_555 75.6  ? 
34 O6 ? A DG 10 ? A DG 10 ? 1_555 K ? C K . ? A K 101 ? 1_555 O6 ? A DG 11 ? A DG 11 ? 1_555 73.8  ? 
35 O6 ? A DG 4  ? A DG 4  ? 1_555 K ? C K . ? A K 101 ? 1_555 O6 ? B DG 4  ? B DG 16 ? 1_555 102.3 ? 
36 O6 ? A DG 5  ? A DG 5  ? 1_555 K ? C K . ? A K 101 ? 1_555 O6 ? B DG 4  ? B DG 16 ? 1_555 157.0 ? 
37 O6 ? A DG 10 ? A DG 10 ? 1_555 K ? C K . ? A K 101 ? 1_555 O6 ? B DG 4  ? B DG 16 ? 1_555 67.3  ? 
38 O6 ? A DG 11 ? A DG 11 ? 1_555 K ? C K . ? A K 101 ? 1_555 O6 ? B DG 4  ? B DG 16 ? 1_555 92.8  ? 
39 O6 ? A DG 4  ? A DG 4  ? 1_555 K ? C K . ? A K 101 ? 1_555 O6 ? B DG 5  ? B DG 17 ? 1_555 159.7 ? 
40 O6 ? A DG 5  ? A DG 5  ? 1_555 K ? C K . ? A K 101 ? 1_555 O6 ? B DG 5  ? B DG 17 ? 1_555 121.4 ? 
41 O6 ? A DG 10 ? A DG 10 ? 1_555 K ? C K . ? A K 101 ? 1_555 O6 ? B DG 5  ? B DG 17 ? 1_555 126.3 ? 
42 O6 ? A DG 11 ? A DG 11 ? 1_555 K ? C K . ? A K 101 ? 1_555 O6 ? B DG 5  ? B DG 17 ? 1_555 74.2  ? 
43 O6 ? B DG 4  ? B DG 16 ? 1_555 K ? C K . ? A K 101 ? 1_555 O6 ? B DG 5  ? B DG 17 ? 1_555 72.5  ? 
44 O6 ? A DG 4  ? A DG 4  ? 1_555 K ? C K . ? A K 101 ? 1_555 O6 ? B DG 10 ? B DG 22 ? 1_555 68.4  ? 
45 O6 ? A DG 5  ? A DG 5  ? 1_555 K ? C K . ? A K 101 ? 1_555 O6 ? B DG 10 ? B DG 22 ? 1_555 126.5 ? 
46 O6 ? A DG 10 ? A DG 10 ? 1_555 K ? C K . ? A K 101 ? 1_555 O6 ? B DG 10 ? B DG 22 ? 1_555 102.8 ? 
47 O6 ? A DG 11 ? A DG 11 ? 1_555 K ? C K . ? A K 101 ? 1_555 O6 ? B DG 10 ? B DG 22 ? 1_555 157.9 ? 
48 O6 ? B DG 4  ? B DG 16 ? 1_555 K ? C K . ? A K 101 ? 1_555 O6 ? B DG 10 ? B DG 22 ? 1_555 66.3  ? 
49 O6 ? B DG 5  ? B DG 17 ? 1_555 K ? C K . ? A K 101 ? 1_555 O6 ? B DG 10 ? B DG 22 ? 1_555 91.9  ? 
50 O6 ? A DG 4  ? A DG 4  ? 1_555 K ? C K . ? A K 101 ? 1_555 O6 ? B DG 11 ? B DG 23 ? 1_555 92.5  ? 
51 O6 ? A DG 5  ? A DG 5  ? 1_555 K ? C K . ? A K 101 ? 1_555 O6 ? B DG 11 ? B DG 23 ? 1_555 74.9  ? 
52 O6 ? A DG 10 ? A DG 10 ? 1_555 K ? C K . ? A K 101 ? 1_555 O6 ? B DG 11 ? B DG 23 ? 1_555 157.0 ? 
53 O6 ? A DG 11 ? A DG 11 ? 1_555 K ? C K . ? A K 101 ? 1_555 O6 ? B DG 11 ? B DG 23 ? 1_555 117.7 ? 
54 O6 ? B DG 4  ? B DG 16 ? 1_555 K ? C K . ? A K 101 ? 1_555 O6 ? B DG 11 ? B DG 23 ? 1_555 127.9 ? 
55 O6 ? B DG 5  ? B DG 17 ? 1_555 K ? C K . ? A K 101 ? 1_555 O6 ? B DG 11 ? B DG 23 ? 1_555 76.7  ? 
56 O6 ? B DG 10 ? B DG 22 ? 1_555 K ? C K . ? A K 101 ? 1_555 O6 ? B DG 11 ? B DG 23 ? 1_555 73.9  ? 
# 
loop_
_struct_site.id 
_struct_site.pdbx_evidence_code 
_struct_site.pdbx_auth_asym_id 
_struct_site.pdbx_auth_comp_id 
_struct_site.pdbx_auth_seq_id 
_struct_site.pdbx_auth_ins_code 
_struct_site.pdbx_num_residues 
_struct_site.details 
AC1 Software A K   101 ? 9 'binding site for residue K A 101'   
AC2 Software A 50B 102 ? 8 'binding site for residue 50B A 102' 
AC3 Software B K   101 ? 9 'binding site for residue K B 101'   
# 
loop_
_struct_site_gen.id 
_struct_site_gen.site_id 
_struct_site_gen.pdbx_num_res 
_struct_site_gen.label_comp_id 
_struct_site_gen.label_asym_id 
_struct_site_gen.label_seq_id 
_struct_site_gen.pdbx_auth_ins_code 
_struct_site_gen.auth_comp_id 
_struct_site_gen.auth_asym_id 
_struct_site_gen.auth_seq_id 
_struct_site_gen.label_atom_id 
_struct_site_gen.label_alt_id 
_struct_site_gen.symmetry 
_struct_site_gen.details 
1  AC1 9 DG A 4  ? DG A 4   . ? 1_555 ? 
2  AC1 9 DG A 5  ? DG A 5   . ? 1_555 ? 
3  AC1 9 DG A 10 ? DG A 10  . ? 1_555 ? 
4  AC1 9 DG A 11 ? DG A 11  . ? 1_555 ? 
5  AC1 9 DG B 4  ? DG B 16  . ? 1_555 ? 
6  AC1 9 DG B 5  ? DG B 17  . ? 1_555 ? 
7  AC1 9 DG B 10 ? DG B 22  . ? 1_555 ? 
8  AC1 9 DG B 11 ? DG B 23  . ? 1_555 ? 
9  AC1 9 K  E .  ? K  B 101 . ? 1_555 ? 
10 AC2 8 DT A 1  ? DT A 1   . ? 1_555 ? 
11 AC2 8 DA A 2  ? DA A 2   . ? 1_555 ? 
12 AC2 8 DG A 5  ? DG A 5   . ? 3_445 ? 
13 AC2 8 DG A 11 ? DG A 11  . ? 3_445 ? 
14 AC2 8 DT B 1  ? DT B 13  . ? 1_555 ? 
15 AC2 8 DA B 2  ? DA B 14  . ? 1_555 ? 
16 AC2 8 DG B 5  ? DG B 17  . ? 3_445 ? 
17 AC2 8 DG B 11 ? DG B 23  . ? 3_445 ? 
18 AC3 9 DG A 3  ? DG A 3   . ? 1_555 ? 
19 AC3 9 DG A 4  ? DG A 4   . ? 1_555 ? 
20 AC3 9 DG A 9  ? DG A 9   . ? 1_555 ? 
21 AC3 9 DG A 10 ? DG A 10  . ? 1_555 ? 
22 AC3 9 K  C .  ? K  A 101 . ? 1_555 ? 
23 AC3 9 DG B 3  ? DG B 15  . ? 1_555 ? 
24 AC3 9 DG B 4  ? DG B 16  . ? 1_555 ? 
25 AC3 9 DG B 9  ? DG B 21  . ? 1_555 ? 
26 AC3 9 DG B 10 ? DG B 22  . ? 1_555 ? 
# 
loop_
_pdbx_validate_rmsd_bond.id 
_pdbx_validate_rmsd_bond.PDB_model_num 
_pdbx_validate_rmsd_bond.auth_atom_id_1 
_pdbx_validate_rmsd_bond.auth_asym_id_1 
_pdbx_validate_rmsd_bond.auth_comp_id_1 
_pdbx_validate_rmsd_bond.auth_seq_id_1 
_pdbx_validate_rmsd_bond.PDB_ins_code_1 
_pdbx_validate_rmsd_bond.label_alt_id_1 
_pdbx_validate_rmsd_bond.auth_atom_id_2 
_pdbx_validate_rmsd_bond.auth_asym_id_2 
_pdbx_validate_rmsd_bond.auth_comp_id_2 
_pdbx_validate_rmsd_bond.auth_seq_id_2 
_pdbx_validate_rmsd_bond.PDB_ins_code_2 
_pdbx_validate_rmsd_bond.label_alt_id_2 
_pdbx_validate_rmsd_bond.bond_value 
_pdbx_validate_rmsd_bond.bond_target_value 
_pdbx_validate_rmsd_bond.bond_deviation 
_pdbx_validate_rmsd_bond.bond_standard_deviation 
_pdbx_validate_rmsd_bond.linker_flag 
1 1 N3 A DT 1  ? ? C4 A DT 1  ? ? 1.334 1.382 -0.048 0.008 N 
2 1 N1 A DT 6  ? ? C2 A DT 6  ? ? 1.425 1.376 0.049  0.008 N 
3 1 C5 A DT 6  ? ? C6 A DT 6  ? ? 1.389 1.339 0.050  0.007 N 
4 1 N1 A DT 7  ? ? C2 A DT 7  ? ? 1.426 1.376 0.050  0.008 N 
5 1 C5 A DT 7  ? ? C6 A DT 7  ? ? 1.385 1.339 0.046  0.007 N 
6 1 N1 A DT 12 ? ? C2 A DT 12 ? ? 1.428 1.376 0.052  0.008 N 
7 1 C5 A DT 12 ? ? C6 A DT 12 ? ? 1.382 1.339 0.043  0.007 N 
8 1 N3 B DT 13 ? ? C4 B DT 13 ? ? 1.332 1.382 -0.050 0.008 N 
9 1 C5 B DT 13 ? ? C6 B DT 13 ? ? 1.384 1.339 0.045  0.007 N 
# 
loop_
_pdbx_validate_rmsd_angle.id 
_pdbx_validate_rmsd_angle.PDB_model_num 
_pdbx_validate_rmsd_angle.auth_atom_id_1 
_pdbx_validate_rmsd_angle.auth_asym_id_1 
_pdbx_validate_rmsd_angle.auth_comp_id_1 
_pdbx_validate_rmsd_angle.auth_seq_id_1 
_pdbx_validate_rmsd_angle.PDB_ins_code_1 
_pdbx_validate_rmsd_angle.label_alt_id_1 
_pdbx_validate_rmsd_angle.auth_atom_id_2 
_pdbx_validate_rmsd_angle.auth_asym_id_2 
_pdbx_validate_rmsd_angle.auth_comp_id_2 
_pdbx_validate_rmsd_angle.auth_seq_id_2 
_pdbx_validate_rmsd_angle.PDB_ins_code_2 
_pdbx_validate_rmsd_angle.label_alt_id_2 
_pdbx_validate_rmsd_angle.auth_atom_id_3 
_pdbx_validate_rmsd_angle.auth_asym_id_3 
_pdbx_validate_rmsd_angle.auth_comp_id_3 
_pdbx_validate_rmsd_angle.auth_seq_id_3 
_pdbx_validate_rmsd_angle.PDB_ins_code_3 
_pdbx_validate_rmsd_angle.label_alt_id_3 
_pdbx_validate_rmsd_angle.angle_value 
_pdbx_validate_rmsd_angle.angle_target_value 
_pdbx_validate_rmsd_angle.angle_deviation 
_pdbx_validate_rmsd_angle.angle_standard_deviation 
_pdbx_validate_rmsd_angle.linker_flag 
1  1 N1    A DT 1  ? ? C2    A DT 1  ? ? N3    A DT 1  ? ? 120.65 114.60 6.05  0.60 N 
2  1 C2    A DT 1  ? ? N3    A DT 1  ? ? C4    A DT 1  ? ? 120.69 127.20 -6.51 0.60 N 
3  1 N3    A DT 1  ? ? C4    A DT 1  ? ? C5    A DT 1  ? ? 119.99 115.20 4.79  0.60 N 
4  1 N3    A DT 1  ? ? C2    A DT 1  ? ? O2    A DT 1  ? ? 118.00 122.30 -4.30 0.60 N 
5  1 C5    A DT 1  ? ? C4    A DT 1  ? ? O4    A DT 1  ? ? 120.19 124.90 -4.71 0.70 N 
6  1 "O4'" A DT 6  ? ? "C1'" A DT 6  ? ? N1    A DT 6  ? ? 111.43 108.30 3.13  0.30 N 
7  1 N1    A DT 6  ? ? C2    A DT 6  ? ? N3    A DT 6  ? ? 121.36 114.60 6.76  0.60 N 
8  1 C2    A DT 6  ? ? N3    A DT 6  ? ? C4    A DT 6  ? ? 120.09 127.20 -7.11 0.60 N 
9  1 N3    A DT 6  ? ? C4    A DT 6  ? ? C5    A DT 6  ? ? 119.75 115.20 4.55  0.60 N 
10 1 C5    A DT 6  ? ? C6    A DT 6  ? ? N1    A DT 6  ? ? 119.57 123.70 -4.13 0.60 N 
11 1 N3    A DT 6  ? ? C2    A DT 6  ? ? O2    A DT 6  ? ? 118.63 122.30 -3.67 0.60 N 
12 1 C5    A DT 6  ? ? C4    A DT 6  ? ? O4    A DT 6  ? ? 120.28 124.90 -4.62 0.70 N 
13 1 N1    A DT 7  ? ? C2    A DT 7  ? ? N3    A DT 7  ? ? 120.26 114.60 5.66  0.60 N 
14 1 C2    A DT 7  ? ? N3    A DT 7  ? ? C4    A DT 7  ? ? 121.39 127.20 -5.81 0.60 N 
15 1 N3    A DT 7  ? ? C4    A DT 7  ? ? C5    A DT 7  ? ? 119.83 115.20 4.63  0.60 N 
16 1 N3    A DT 7  ? ? C2    A DT 7  ? ? O2    A DT 7  ? ? 118.16 122.30 -4.14 0.60 N 
17 1 "O4'" A DT 12 ? ? "C1'" A DT 12 ? ? N1    A DT 12 ? ? 103.08 108.00 -4.92 0.70 N 
18 1 N1    A DT 12 ? ? C2    A DT 12 ? ? N3    A DT 12 ? ? 120.57 114.60 5.97  0.60 N 
19 1 C2    A DT 12 ? ? N3    A DT 12 ? ? C4    A DT 12 ? ? 120.94 127.20 -6.26 0.60 N 
20 1 N3    A DT 12 ? ? C4    A DT 12 ? ? C5    A DT 12 ? ? 119.47 115.20 4.27  0.60 N 
21 1 N3    A DT 12 ? ? C2    A DT 12 ? ? O2    A DT 12 ? ? 118.50 122.30 -3.80 0.60 N 
22 1 C5    A DT 12 ? ? C4    A DT 12 ? ? O4    A DT 12 ? ? 120.45 124.90 -4.45 0.70 N 
23 1 N1    B DT 13 ? ? C2    B DT 13 ? ? N3    B DT 13 ? ? 120.15 114.60 5.55  0.60 N 
24 1 C2    B DT 13 ? ? N3    B DT 13 ? ? C4    B DT 13 ? ? 121.79 127.20 -5.41 0.60 N 
25 1 N3    B DT 13 ? ? C4    B DT 13 ? ? C5    B DT 13 ? ? 119.06 115.20 3.86  0.60 N 
26 1 C5    B DT 13 ? ? C6    B DT 13 ? ? N1    B DT 13 ? ? 120.00 123.70 -3.70 0.60 N 
27 1 N3    B DT 13 ? ? C2    B DT 13 ? ? O2    B DT 13 ? ? 118.38 122.30 -3.92 0.60 N 
28 1 "O4'" B DT 19 ? ? "C1'" B DT 19 ? ? N1    B DT 19 ? ? 110.66 108.30 2.36  0.30 N 
29 1 N1    B DT 19 ? ? C2    B DT 19 ? ? N3    B DT 19 ? ? 120.78 114.60 6.18  0.60 N 
30 1 C2    B DT 19 ? ? N3    B DT 19 ? ? C4    B DT 19 ? ? 121.07 127.20 -6.13 0.60 N 
31 1 N3    B DT 19 ? ? C4    B DT 19 ? ? C5    B DT 19 ? ? 119.73 115.20 4.53  0.60 N 
32 1 C4    B DT 19 ? ? C5    B DT 19 ? ? C7    B DT 19 ? ? 123.40 119.00 4.40  0.60 N 
33 1 "O5'" B DT 24 ? ? "C5'" B DT 24 ? ? "C4'" B DT 24 ? ? 103.47 109.40 -5.93 0.80 N 
# 
_pdbx_phasing_MR.entry_id                     5CDB 
_pdbx_phasing_MR.method_rotation              ? 
_pdbx_phasing_MR.method_translation           ? 
_pdbx_phasing_MR.model_details                'Phaser MODE: MR_AUTO' 
_pdbx_phasing_MR.R_factor                     ? 
_pdbx_phasing_MR.R_rigid_body                 ? 
_pdbx_phasing_MR.correlation_coeff_Fo_to_Fc   ? 
_pdbx_phasing_MR.correlation_coeff_Io_to_Ic   ? 
_pdbx_phasing_MR.d_res_high_rotation          4.450 
_pdbx_phasing_MR.d_res_low_rotation           29.080 
_pdbx_phasing_MR.d_res_high_translation       4.450 
_pdbx_phasing_MR.d_res_low_translation        29.080 
_pdbx_phasing_MR.packing                      ? 
_pdbx_phasing_MR.reflns_percent_rotation      ? 
_pdbx_phasing_MR.reflns_percent_translation   ? 
_pdbx_phasing_MR.sigma_F_rotation             ? 
_pdbx_phasing_MR.sigma_F_translation          ? 
_pdbx_phasing_MR.sigma_I_rotation             ? 
_pdbx_phasing_MR.sigma_I_translation          ? 
# 
_phasing.method   MR 
# 
loop_
_chem_comp_atom.comp_id 
_chem_comp_atom.atom_id 
_chem_comp_atom.type_symbol 
_chem_comp_atom.pdbx_aromatic_flag 
_chem_comp_atom.pdbx_stereo_config 
_chem_comp_atom.pdbx_ordinal 
50B O2     O N N 1   
50B C2     C Y N 2   
50B C3     C Y N 3   
50B O3     O N N 4   
50B C4     C Y N 5   
50B O4     O N N 6   
50B C5     C Y N 7   
50B C6     C Y N 8   
50B C1     C N N 9   
50B O1     O N N 10  
50B C19    C N N 11  
50B C18    C Y N 12  
50B C13    C Y N 13  
50B C12    C Y N 14  
50B C15    C Y N 15  
50B C16    C Y N 16  
50B C17    C Y N 17  
50B C20    C N N 18  
50B C11    C Y N 19  
50B C10    C Y N 20  
50B N1     N Y N 21  
50B C14    C Y N 22  
50B C7     C Y N 23  
50B C8     C N N 24  
50B C9     C N N 25  
50B C21    C N N 26  
50B C22    C N N 27  
50B C23    C N N 28  
50B C24    C N N 29  
50B C25    C Y N 30  
50B C26    C Y N 31  
50B C27    C Y N 32  
50B C28    C Y N 33  
50B C29    C Y N 34  
50B C30    C Y N 35  
50B C31    C Y N 36  
50B C32    C Y N 37  
50B C33    C Y N 38  
50B C34    C Y N 39  
50B C35    C Y N 40  
50B C36    C Y N 41  
50B H1     H N N 42  
50B H2     H N N 43  
50B H3     H N N 44  
50B H4     H N N 45  
50B H5     H N N 46  
50B H6     H N N 47  
50B H7     H N N 48  
50B H8     H N N 49  
50B H9     H N N 50  
50B H10    H N N 51  
50B H11    H N N 52  
50B H12    H N N 53  
50B H13    H N N 54  
50B H14    H N N 55  
50B H15    H N N 56  
50B H16    H N N 57  
50B H17    H N N 58  
50B H18    H N N 59  
50B H19    H N N 60  
50B H20    H N N 61  
50B H21    H N N 62  
50B H22    H N N 63  
50B H23    H N N 64  
50B H24    H N N 65  
50B H25    H N N 66  
50B H26    H N N 67  
50B H27    H N N 68  
50B H28    H N N 69  
50B H29    H N N 70  
50B H30    H N N 71  
50B H31    H N N 72  
50B H32    H N N 73  
50B H33    H N N 74  
50B H34    H N N 75  
DA  OP3    O N N 76  
DA  P      P N N 77  
DA  OP1    O N N 78  
DA  OP2    O N N 79  
DA  "O5'"  O N N 80  
DA  "C5'"  C N N 81  
DA  "C4'"  C N R 82  
DA  "O4'"  O N N 83  
DA  "C3'"  C N S 84  
DA  "O3'"  O N N 85  
DA  "C2'"  C N N 86  
DA  "C1'"  C N R 87  
DA  N9     N Y N 88  
DA  C8     C Y N 89  
DA  N7     N Y N 90  
DA  C5     C Y N 91  
DA  C6     C Y N 92  
DA  N6     N N N 93  
DA  N1     N Y N 94  
DA  C2     C Y N 95  
DA  N3     N Y N 96  
DA  C4     C Y N 97  
DA  HOP3   H N N 98  
DA  HOP2   H N N 99  
DA  "H5'"  H N N 100 
DA  "H5''" H N N 101 
DA  "H4'"  H N N 102 
DA  "H3'"  H N N 103 
DA  "HO3'" H N N 104 
DA  "H2'"  H N N 105 
DA  "H2''" H N N 106 
DA  "H1'"  H N N 107 
DA  H8     H N N 108 
DA  H61    H N N 109 
DA  H62    H N N 110 
DA  H2     H N N 111 
DG  OP3    O N N 112 
DG  P      P N N 113 
DG  OP1    O N N 114 
DG  OP2    O N N 115 
DG  "O5'"  O N N 116 
DG  "C5'"  C N N 117 
DG  "C4'"  C N R 118 
DG  "O4'"  O N N 119 
DG  "C3'"  C N S 120 
DG  "O3'"  O N N 121 
DG  "C2'"  C N N 122 
DG  "C1'"  C N R 123 
DG  N9     N Y N 124 
DG  C8     C Y N 125 
DG  N7     N Y N 126 
DG  C5     C Y N 127 
DG  C6     C N N 128 
DG  O6     O N N 129 
DG  N1     N N N 130 
DG  C2     C N N 131 
DG  N2     N N N 132 
DG  N3     N N N 133 
DG  C4     C Y N 134 
DG  HOP3   H N N 135 
DG  HOP2   H N N 136 
DG  "H5'"  H N N 137 
DG  "H5''" H N N 138 
DG  "H4'"  H N N 139 
DG  "H3'"  H N N 140 
DG  "HO3'" H N N 141 
DG  "H2'"  H N N 142 
DG  "H2''" H N N 143 
DG  "H1'"  H N N 144 
DG  H8     H N N 145 
DG  H1     H N N 146 
DG  H21    H N N 147 
DG  H22    H N N 148 
DT  OP3    O N N 149 
DT  P      P N N 150 
DT  OP1    O N N 151 
DT  OP2    O N N 152 
DT  "O5'"  O N N 153 
DT  "C5'"  C N N 154 
DT  "C4'"  C N R 155 
DT  "O4'"  O N N 156 
DT  "C3'"  C N S 157 
DT  "O3'"  O N N 158 
DT  "C2'"  C N N 159 
DT  "C1'"  C N R 160 
DT  N1     N N N 161 
DT  C2     C N N 162 
DT  O2     O N N 163 
DT  N3     N N N 164 
DT  C4     C N N 165 
DT  O4     O N N 166 
DT  C5     C N N 167 
DT  C7     C N N 168 
DT  C6     C N N 169 
DT  HOP3   H N N 170 
DT  HOP2   H N N 171 
DT  "H5'"  H N N 172 
DT  "H5''" H N N 173 
DT  "H4'"  H N N 174 
DT  "H3'"  H N N 175 
DT  "HO3'" H N N 176 
DT  "H2'"  H N N 177 
DT  "H2''" H N N 178 
DT  "H1'"  H N N 179 
DT  H3     H N N 180 
DT  H71    H N N 181 
DT  H72    H N N 182 
DT  H73    H N N 183 
DT  H6     H N N 184 
HOH O      O N N 185 
HOH H1     H N N 186 
HOH H2     H N N 187 
K   K      K N N 188 
# 
loop_
_chem_comp_bond.comp_id 
_chem_comp_bond.atom_id_1 
_chem_comp_bond.atom_id_2 
_chem_comp_bond.value_order 
_chem_comp_bond.pdbx_aromatic_flag 
_chem_comp_bond.pdbx_stereo_config 
_chem_comp_bond.pdbx_ordinal 
50B C35   C36    doub Y N 1   
50B C35   C34    sing Y N 2   
50B C36   C31    sing Y N 3   
50B C19   O3     sing N N 4   
50B C8    C5     sing N N 5   
50B C8    C9     sing N N 6   
50B C34   C33    doub Y N 7   
50B C16   C15    sing Y N 8   
50B C16   C17    doub Y N 9   
50B O4    C17    sing N N 10  
50B O4    C20    sing N N 11  
50B C15   C12    doub Y N 12  
50B C17   C18    sing Y N 13  
50B C31   C24    sing N N 14  
50B C31   C32    doub Y N 15  
50B C21   C11    sing N N 16  
50B C21   C22    sing N N 17  
50B C5    C4     sing Y N 18  
50B C5    C6     doub Y N 19  
50B C24   C25    sing N N 20  
50B C24   C23    sing N N 21  
50B C26   C25    doub Y N 22  
50B C26   C27    sing Y N 23  
50B C25   C30    sing Y N 24  
50B C12   C11    sing Y N 25  
50B C12   C13    sing Y N 26  
50B C27   C28    doub Y N 27  
50B C30   C29    doub Y N 28  
50B C18   C13    doub Y N 29  
50B C18   O3     sing N N 30  
50B C4    C2     doub Y N 31  
50B C28   C29    sing Y N 32  
50B C11   C10    doub Y N 33  
50B C13   C14    sing Y N 34  
50B C10   N1     sing Y N 35  
50B C10   C6     sing N N 36  
50B C14   N1     doub Y N 37  
50B N1    C9     sing N N 38  
50B C6    C7     sing Y N 39  
50B C2    O2     sing N N 40  
50B C2    C3     sing Y N 41  
50B O2    C1     sing N N 42  
50B C33   C32    sing Y N 43  
50B C7    C3     doub Y N 44  
50B C3    O1     sing N N 45  
50B C22   C23    sing N N 46  
50B O1    C1     sing N N 47  
50B C4    H1     sing N N 48  
50B C1    H2     sing N N 49  
50B C19   H3     sing N N 50  
50B C19   H4     sing N N 51  
50B C19   H5     sing N N 52  
50B C15   H6     sing N N 53  
50B C16   H7     sing N N 54  
50B C20   H8     sing N N 55  
50B C20   H9     sing N N 56  
50B C20   H10    sing N N 57  
50B C14   H11    sing N N 58  
50B C7    H12    sing N N 59  
50B C8    H13    sing N N 60  
50B C8    H14    sing N N 61  
50B C9    H15    sing N N 62  
50B C9    H16    sing N N 63  
50B C21   H17    sing N N 64  
50B C21   H18    sing N N 65  
50B C22   H19    sing N N 66  
50B C22   H20    sing N N 67  
50B C23   H21    sing N N 68  
50B C23   H22    sing N N 69  
50B C24   H23    sing N N 70  
50B C26   H24    sing N N 71  
50B C27   H25    sing N N 72  
50B C28   H26    sing N N 73  
50B C29   H27    sing N N 74  
50B C30   H28    sing N N 75  
50B C32   H29    sing N N 76  
50B C33   H30    sing N N 77  
50B C34   H31    sing N N 78  
50B C35   H32    sing N N 79  
50B C36   H33    sing N N 80  
50B C1    H34    sing N N 81  
DA  OP3   P      sing N N 82  
DA  OP3   HOP3   sing N N 83  
DA  P     OP1    doub N N 84  
DA  P     OP2    sing N N 85  
DA  P     "O5'"  sing N N 86  
DA  OP2   HOP2   sing N N 87  
DA  "O5'" "C5'"  sing N N 88  
DA  "C5'" "C4'"  sing N N 89  
DA  "C5'" "H5'"  sing N N 90  
DA  "C5'" "H5''" sing N N 91  
DA  "C4'" "O4'"  sing N N 92  
DA  "C4'" "C3'"  sing N N 93  
DA  "C4'" "H4'"  sing N N 94  
DA  "O4'" "C1'"  sing N N 95  
DA  "C3'" "O3'"  sing N N 96  
DA  "C3'" "C2'"  sing N N 97  
DA  "C3'" "H3'"  sing N N 98  
DA  "O3'" "HO3'" sing N N 99  
DA  "C2'" "C1'"  sing N N 100 
DA  "C2'" "H2'"  sing N N 101 
DA  "C2'" "H2''" sing N N 102 
DA  "C1'" N9     sing N N 103 
DA  "C1'" "H1'"  sing N N 104 
DA  N9    C8     sing Y N 105 
DA  N9    C4     sing Y N 106 
DA  C8    N7     doub Y N 107 
DA  C8    H8     sing N N 108 
DA  N7    C5     sing Y N 109 
DA  C5    C6     sing Y N 110 
DA  C5    C4     doub Y N 111 
DA  C6    N6     sing N N 112 
DA  C6    N1     doub Y N 113 
DA  N6    H61    sing N N 114 
DA  N6    H62    sing N N 115 
DA  N1    C2     sing Y N 116 
DA  C2    N3     doub Y N 117 
DA  C2    H2     sing N N 118 
DA  N3    C4     sing Y N 119 
DG  OP3   P      sing N N 120 
DG  OP3   HOP3   sing N N 121 
DG  P     OP1    doub N N 122 
DG  P     OP2    sing N N 123 
DG  P     "O5'"  sing N N 124 
DG  OP2   HOP2   sing N N 125 
DG  "O5'" "C5'"  sing N N 126 
DG  "C5'" "C4'"  sing N N 127 
DG  "C5'" "H5'"  sing N N 128 
DG  "C5'" "H5''" sing N N 129 
DG  "C4'" "O4'"  sing N N 130 
DG  "C4'" "C3'"  sing N N 131 
DG  "C4'" "H4'"  sing N N 132 
DG  "O4'" "C1'"  sing N N 133 
DG  "C3'" "O3'"  sing N N 134 
DG  "C3'" "C2'"  sing N N 135 
DG  "C3'" "H3'"  sing N N 136 
DG  "O3'" "HO3'" sing N N 137 
DG  "C2'" "C1'"  sing N N 138 
DG  "C2'" "H2'"  sing N N 139 
DG  "C2'" "H2''" sing N N 140 
DG  "C1'" N9     sing N N 141 
DG  "C1'" "H1'"  sing N N 142 
DG  N9    C8     sing Y N 143 
DG  N9    C4     sing Y N 144 
DG  C8    N7     doub Y N 145 
DG  C8    H8     sing N N 146 
DG  N7    C5     sing Y N 147 
DG  C5    C6     sing N N 148 
DG  C5    C4     doub Y N 149 
DG  C6    O6     doub N N 150 
DG  C6    N1     sing N N 151 
DG  N1    C2     sing N N 152 
DG  N1    H1     sing N N 153 
DG  C2    N2     sing N N 154 
DG  C2    N3     doub N N 155 
DG  N2    H21    sing N N 156 
DG  N2    H22    sing N N 157 
DG  N3    C4     sing N N 158 
DT  OP3   P      sing N N 159 
DT  OP3   HOP3   sing N N 160 
DT  P     OP1    doub N N 161 
DT  P     OP2    sing N N 162 
DT  P     "O5'"  sing N N 163 
DT  OP2   HOP2   sing N N 164 
DT  "O5'" "C5'"  sing N N 165 
DT  "C5'" "C4'"  sing N N 166 
DT  "C5'" "H5'"  sing N N 167 
DT  "C5'" "H5''" sing N N 168 
DT  "C4'" "O4'"  sing N N 169 
DT  "C4'" "C3'"  sing N N 170 
DT  "C4'" "H4'"  sing N N 171 
DT  "O4'" "C1'"  sing N N 172 
DT  "C3'" "O3'"  sing N N 173 
DT  "C3'" "C2'"  sing N N 174 
DT  "C3'" "H3'"  sing N N 175 
DT  "O3'" "HO3'" sing N N 176 
DT  "C2'" "C1'"  sing N N 177 
DT  "C2'" "H2'"  sing N N 178 
DT  "C2'" "H2''" sing N N 179 
DT  "C1'" N1     sing N N 180 
DT  "C1'" "H1'"  sing N N 181 
DT  N1    C2     sing N N 182 
DT  N1    C6     sing N N 183 
DT  C2    O2     doub N N 184 
DT  C2    N3     sing N N 185 
DT  N3    C4     sing N N 186 
DT  N3    H3     sing N N 187 
DT  C4    O4     doub N N 188 
DT  C4    C5     sing N N 189 
DT  C5    C7     sing N N 190 
DT  C5    C6     doub N N 191 
DT  C7    H71    sing N N 192 
DT  C7    H72    sing N N 193 
DT  C7    H73    sing N N 194 
DT  C6    H6     sing N N 195 
HOH O     H1     sing N N 196 
HOH O     H2     sing N N 197 
# 
loop_
_ndb_struct_conf_na.entry_id 
_ndb_struct_conf_na.feature 
5CDB 'parallel strands'     
5CDB 'mismatched base pair' 
# 
_pdbx_initial_refinement_model.id               1 
_pdbx_initial_refinement_model.entity_id_list   ? 
_pdbx_initial_refinement_model.type             'experimental model' 
_pdbx_initial_refinement_model.source_name      PDB 
_pdbx_initial_refinement_model.accession_code   4P1D 
_pdbx_initial_refinement_model.details          ? 
# 
_atom_sites.entry_id                    5CDB 
_atom_sites.fract_transf_matrix[1][1]   -0.00665635 
_atom_sites.fract_transf_matrix[1][2]   0.02185596 
_atom_sites.fract_transf_matrix[1][3]   0.00831163 
_atom_sites.fract_transf_matrix[2][1]   0.02315464 
_atom_sites.fract_transf_matrix[2][2]   0.00495598 
_atom_sites.fract_transf_matrix[2][3]   0.00551127 
_atom_sites.fract_transf_matrix[3][1]   0.00188328 
_atom_sites.fract_transf_matrix[3][2]   0.00544435 
_atom_sites.fract_transf_matrix[3][3]   -0.01280805 
_atom_sites.fract_transf_vector[1]      0.001519 
_atom_sites.fract_transf_vector[2]      -0.506306 
_atom_sites.fract_transf_vector[3]      -0.049866 
# 
loop_
_atom_type.symbol 
C 
K 
N 
O 
P 
# 
loop_
_atom_site.group_PDB 
_atom_site.id 
_atom_site.type_symbol 
_atom_site.label_atom_id 
_atom_site.label_alt_id 
_atom_site.label_comp_id 
_atom_site.label_asym_id 
_atom_site.label_entity_id 
_atom_site.label_seq_id 
_atom_site.pdbx_PDB_ins_code 
_atom_site.Cartn_x 
_atom_site.Cartn_y 
_atom_site.Cartn_z 
_atom_site.occupancy 
_atom_site.B_iso_or_equiv 
_atom_site.pdbx_formal_charge 
_atom_site.auth_seq_id 
_atom_site.auth_comp_id 
_atom_site.auth_asym_id 
_atom_site.auth_atom_id 
_atom_site.pdbx_PDB_model_num 
ATOM   1   C "C5'" . DT  A 1 1  ? 8.096   -2.225  -8.312  1.00 55.24  ? 1   DT  A "C5'" 1 
ATOM   2   C "C4'" . DT  A 1 1  ? 7.741   -0.921  -7.585  1.00 53.75  ? 1   DT  A "C4'" 1 
ATOM   3   O "O4'" . DT  A 1 1  ? 6.341   -0.633  -7.688  1.00 51.53  ? 1   DT  A "O4'" 1 
ATOM   4   C "C3'" . DT  A 1 1  ? 8.022   -1.036  -6.105  1.00 54.59  ? 1   DT  A "C3'" 1 
ATOM   5   O "O3'" . DT  A 1 1  ? 8.447   0.229   -5.599  1.00 55.08  ? 1   DT  A "O3'" 1 
ATOM   6   C "C2'" . DT  A 1 1  ? 6.690   -1.390  -5.468  1.00 55.14  ? 1   DT  A "C2'" 1 
ATOM   7   C "C1'" . DT  A 1 1  ? 5.661   -0.829  -6.432  1.00 51.63  ? 1   DT  A "C1'" 1 
ATOM   8   N N1    . DT  A 1 1  ? 4.540   -1.739  -6.651  1.00 47.64  ? 1   DT  A N1    1 
ATOM   9   C C2    . DT  A 1 1  ? 3.203   -1.332  -6.406  1.00 45.78  ? 1   DT  A C2    1 
ATOM   10  O O2    . DT  A 1 1  ? 2.940   -0.189  -5.964  1.00 45.63  ? 1   DT  A O2    1 
ATOM   11  N N3    . DT  A 1 1  ? 2.183   -2.162  -6.646  1.00 46.03  ? 1   DT  A N3    1 
ATOM   12  C C4    . DT  A 1 1  ? 2.401   -3.389  -7.121  1.00 47.54  ? 1   DT  A C4    1 
ATOM   13  O O4    . DT  A 1 1  ? 1.441   -4.148  -7.337  1.00 51.35  ? 1   DT  A O4    1 
ATOM   14  C C5    . DT  A 1 1  ? 3.787   -3.842  -7.397  1.00 49.95  ? 1   DT  A C5    1 
ATOM   15  C C7    . DT  A 1 1  ? 4.090   -5.215  -7.942  1.00 53.09  ? 1   DT  A C7    1 
ATOM   16  C C6    . DT  A 1 1  ? 4.810   -2.957  -7.135  1.00 50.94  ? 1   DT  A C6    1 
ATOM   17  P P     . DA  A 1 2  ? 9.916   0.384   -4.997  1.00 57.35  ? 2   DA  A P     1 
ATOM   18  O OP1   . DA  A 1 2  ? 10.869  0.324   -6.136  1.00 60.89  ? 2   DA  A OP1   1 
ATOM   19  O OP2   . DA  A 1 2  ? 10.066  -0.554  -3.858  1.00 58.47  ? 2   DA  A OP2   1 
ATOM   20  O "O5'" . DA  A 1 2  ? 9.894   1.818   -4.311  1.00 54.43  ? 2   DA  A "O5'" 1 
ATOM   21  C "C5'" . DA  A 1 2  ? 10.020  3.019   -5.082  1.00 54.16  ? 2   DA  A "C5'" 1 
ATOM   22  C "C4'" . DA  A 1 2  ? 9.757   4.221   -4.208  1.00 52.88  ? 2   DA  A "C4'" 1 
ATOM   23  O "O4'" . DA  A 1 2  ? 8.387   4.660   -4.378  1.00 51.88  ? 2   DA  A "O4'" 1 
ATOM   24  C "C3'" . DA  A 1 2  ? 9.914   4.021   -2.707  1.00 53.17  ? 2   DA  A "C3'" 1 
ATOM   25  O "O3'" . DA  A 1 2  ? 10.093  5.296   -2.118  1.00 59.06  ? 2   DA  A "O3'" 1 
ATOM   26  C "C2'" . DA  A 1 2  ? 8.533   3.530   -2.295  1.00 51.75  ? 2   DA  A "C2'" 1 
ATOM   27  C "C1'" . DA  A 1 2  ? 7.633   4.353   -3.214  1.00 49.10  ? 2   DA  A "C1'" 1 
ATOM   28  N N9    . DA  A 1 2  ? 6.463   3.599   -3.641  1.00 43.57  ? 2   DA  A N9    1 
ATOM   29  C C8    . DA  A 1 2  ? 6.445   2.324   -4.145  1.00 41.86  ? 2   DA  A C8    1 
ATOM   30  N N7    . DA  A 1 2  ? 5.249   1.903   -4.474  1.00 45.82  ? 2   DA  A N7    1 
ATOM   31  C C5    . DA  A 1 2  ? 4.425   2.979   -4.176  1.00 41.35  ? 2   DA  A C5    1 
ATOM   32  C C6    . DA  A 1 2  ? 3.041   3.166   -4.293  1.00 40.27  ? 2   DA  A C6    1 
ATOM   33  N N6    . DA  A 1 2  ? 2.210   2.239   -4.774  1.00 44.88  ? 2   DA  A N6    1 
ATOM   34  N N1    . DA  A 1 2  ? 2.533   4.356   -3.908  1.00 38.72  ? 2   DA  A N1    1 
ATOM   35  C C2    . DA  A 1 2  ? 3.372   5.291   -3.448  1.00 38.08  ? 2   DA  A C2    1 
ATOM   36  N N3    . DA  A 1 2  ? 4.689   5.226   -3.272  1.00 39.21  ? 2   DA  A N3    1 
ATOM   37  C C4    . DA  A 1 2  ? 5.160   4.034   -3.671  1.00 40.71  ? 2   DA  A C4    1 
ATOM   38  P P     . DG  A 1 3  ? 10.679  5.419   -0.638  1.00 62.49  ? 3   DG  A P     1 
ATOM   39  O OP1   . DG  A 1 3  ? 11.671  6.526   -0.640  1.00 66.50  ? 3   DG  A OP1   1 
ATOM   40  O OP2   . DG  A 1 3  ? 11.056  4.059   -0.165  1.00 63.52  ? 3   DG  A OP2   1 
ATOM   41  O "O5'" . DG  A 1 3  ? 9.427   5.899   0.213   1.00 56.48  ? 3   DG  A "O5'" 1 
ATOM   42  C "C5'" . DG  A 1 3  ? 8.819   7.158   -0.069  1.00 49.66  ? 3   DG  A "C5'" 1 
ATOM   43  C "C4'" . DG  A 1 3  ? 7.505   7.227   0.654   1.00 49.39  ? 3   DG  A "C4'" 1 
ATOM   44  O "O4'" . DG  A 1 3  ? 6.562   6.338   0.008   1.00 46.36  ? 3   DG  A "O4'" 1 
ATOM   45  C "C3'" . DG  A 1 3  ? 7.541   6.815   2.123   1.00 50.48  ? 3   DG  A "C3'" 1 
ATOM   46  O "O3'" . DG  A 1 3  ? 6.906   7.884   2.809   1.00 55.89  ? 3   DG  A "O3'" 1 
ATOM   47  C "C2'" . DG  A 1 3  ? 6.761   5.497   2.151   1.00 46.77  ? 3   DG  A "C2'" 1 
ATOM   48  C "C1'" . DG  A 1 3  ? 5.789   5.707   0.995   1.00 46.22  ? 3   DG  A "C1'" 1 
ATOM   49  N N9    . DG  A 1 3  ? 5.220   4.497   0.414   1.00 39.96  ? 3   DG  A N9    1 
ATOM   50  C C8    . DG  A 1 3  ? 5.878   3.339   0.078   1.00 38.71  ? 3   DG  A C8    1 
ATOM   51  N N7    . DG  A 1 3  ? 5.093   2.439   -0.451  1.00 40.61  ? 3   DG  A N7    1 
ATOM   52  C C5    . DG  A 1 3  ? 3.845   3.051   -0.485  1.00 37.52  ? 3   DG  A C5    1 
ATOM   53  C C6    . DG  A 1 3  ? 2.599   2.569   -0.954  1.00 34.79  ? 3   DG  A C6    1 
ATOM   54  O O6    . DG  A 1 3  ? 2.340   1.473   -1.457  1.00 36.70  ? 3   DG  A O6    1 
ATOM   55  N N1    . DG  A 1 3  ? 1.593   3.518   -0.808  1.00 34.04  ? 3   DG  A N1    1 
ATOM   56  C C2    . DG  A 1 3  ? 1.761   4.769   -0.264  1.00 34.56  ? 3   DG  A C2    1 
ATOM   57  N N2    . DG  A 1 3  ? 0.665   5.538   -0.196  1.00 35.35  ? 3   DG  A N2    1 
ATOM   58  N N3    . DG  A 1 3  ? 2.916   5.230   0.181   1.00 34.38  ? 3   DG  A N3    1 
ATOM   59  C C4    . DG  A 1 3  ? 3.911   4.324   0.037   1.00 36.76  ? 3   DG  A C4    1 
ATOM   60  P P     . DG  A 1 4  ? 6.842   7.897   4.391   1.00 57.86  ? 4   DG  A P     1 
ATOM   61  O OP1   . DG  A 1 4  ? 7.383   9.190   4.860   1.00 62.18  ? 4   DG  A OP1   1 
ATOM   62  O OP2   . DG  A 1 4  ? 7.408   6.623   4.899   1.00 58.35  ? 4   DG  A OP2   1 
ATOM   63  O "O5'" . DG  A 1 4  ? 5.278   7.885   4.678   1.00 59.03  ? 4   DG  A "O5'" 1 
ATOM   64  C "C5'" . DG  A 1 4  ? 4.371   8.721   3.939   1.00 49.87  ? 4   DG  A "C5'" 1 
ATOM   65  C "C4'" . DG  A 1 4  ? 2.957   8.402   4.350   1.00 45.26  ? 4   DG  A "C4'" 1 
ATOM   66  O "O4'" . DG  A 1 4  ? 2.454   7.314   3.531   1.00 43.30  ? 4   DG  A "O4'" 1 
ATOM   67  C "C3'" . DG  A 1 4  ? 2.774   7.973   5.805   1.00 44.85  ? 4   DG  A "C3'" 1 
ATOM   68  O "O3'" . DG  A 1 4  ? 1.676   8.719   6.329   1.00 48.05  ? 4   DG  A "O3'" 1 
ATOM   69  C "C2'" . DG  A 1 4  ? 2.494   6.472   5.708   1.00 42.57  ? 4   DG  A "C2'" 1 
ATOM   70  C "C1'" . DG  A 1 4  ? 1.798   6.373   4.351   1.00 40.66  ? 4   DG  A "C1'" 1 
ATOM   71  N N9    . DG  A 1 4  ? 1.929   5.062   3.722   1.00 36.77  ? 4   DG  A N9    1 
ATOM   72  C C8    . DG  A 1 4  ? 3.088   4.343   3.555   1.00 34.68  ? 4   DG  A C8    1 
ATOM   73  N N7    . DG  A 1 4  ? 2.900   3.199   2.956   1.00 34.90  ? 4   DG  A N7    1 
ATOM   74  C C5    . DG  A 1 4  ? 1.533   3.157   2.716   1.00 32.24  ? 4   DG  A C5    1 
ATOM   75  C C6    . DG  A 1 4  ? 0.742   2.161   2.091   1.00 29.50  ? 4   DG  A C6    1 
ATOM   76  O O6    . DG  A 1 4  ? 1.105   1.083   1.604   1.00 30.80  ? 4   DG  A O6    1 
ATOM   77  N N1    . DG  A 1 4  ? -0.598  2.526   2.043   1.00 29.29  ? 4   DG  A N1    1 
ATOM   78  C C2    . DG  A 1 4  ? -1.117  3.694   2.551   1.00 31.90  ? 4   DG  A C2    1 
ATOM   79  N N2    . DG  A 1 4  ? -2.443  3.853   2.436   1.00 30.77  ? 4   DG  A N2    1 
ATOM   80  N N3    . DG  A 1 4  ? -0.388  4.634   3.129   1.00 31.26  ? 4   DG  A N3    1 
ATOM   81  C C4    . DG  A 1 4  ? 0.921   4.304   3.172   1.00 32.34  ? 4   DG  A C4    1 
ATOM   82  P P     . DG  A 1 5  ? 1.305   8.674   7.896   1.00 49.32  ? 5   DG  A P     1 
ATOM   83  O OP1   . DG  A 1 5  ? 0.894   10.039  8.299   1.00 53.53  ? 5   DG  A OP1   1 
ATOM   84  O OP2   . DG  A 1 5  ? 2.390   7.978   8.623   1.00 48.22  ? 5   DG  A OP2   1 
ATOM   85  O "O5'" . DG  A 1 5  ? -0.018  7.796   7.937   1.00 47.58  ? 5   DG  A "O5'" 1 
ATOM   86  C "C5'" . DG  A 1 5  ? -1.242  8.302   7.389   1.00 45.08  ? 5   DG  A "C5'" 1 
ATOM   87  C "C4'" . DG  A 1 5  ? -2.339  7.309   7.647   1.00 44.67  ? 5   DG  A "C4'" 1 
ATOM   88  O "O4'" . DG  A 1 5  ? -2.151  6.188   6.747   1.00 44.52  ? 5   DG  A "O4'" 1 
ATOM   89  C "C3'" . DG  A 1 5  ? -2.370  6.727   9.061   1.00 45.36  ? 5   DG  A "C3'" 1 
ATOM   90  O "O3'" . DG  A 1 5  ? -3.707  6.609   9.533   1.00 47.98  ? 5   DG  A "O3'" 1 
ATOM   91  C "C2'" . DG  A 1 5  ? -1.779  5.333   8.882   1.00 43.51  ? 5   DG  A "C2'" 1 
ATOM   92  C "C1'" . DG  A 1 5  ? -2.254  4.986   7.475   1.00 40.60  ? 5   DG  A "C1'" 1 
ATOM   93  N N9    . DG  A 1 5  ? -1.440  3.964   6.824   1.00 37.40  ? 5   DG  A N9    1 
ATOM   94  C C8    . DG  A 1 5  ? -0.071  3.863   6.839   1.00 36.85  ? 5   DG  A C8    1 
ATOM   95  N N7    . DG  A 1 5  ? 0.373   2.818   6.197   1.00 36.60  ? 5   DG  A N7    1 
ATOM   96  C C5    . DG  A 1 5  ? -0.773  2.194   5.722   1.00 31.68  ? 5   DG  A C5    1 
ATOM   97  C C6    . DG  A 1 5  ? -0.923  1.013   4.962   1.00 30.93  ? 5   DG  A C6    1 
ATOM   98  O O6    . DG  A 1 5  ? -0.045  0.257   4.535   1.00 33.36  ? 5   DG  A O6    1 
ATOM   99  N N1    . DG  A 1 5  ? -2.261  0.729   4.715   1.00 31.48  ? 5   DG  A N1    1 
ATOM   100 C C2    . DG  A 1 5  ? -3.319  1.499   5.129   1.00 31.89  ? 5   DG  A C2    1 
ATOM   101 N N2    . DG  A 1 5  ? -4.542  1.062   4.791   1.00 33.13  ? 5   DG  A N2    1 
ATOM   102 N N3    . DG  A 1 5  ? -3.192  2.604   5.838   1.00 31.54  ? 5   DG  A N3    1 
ATOM   103 C C4    . DG  A 1 5  ? -1.900  2.885   6.107   1.00 33.68  ? 5   DG  A C4    1 
ATOM   104 P P     . DT  A 1 6  ? -4.143  7.302   10.917  1.00 48.05  ? 6   DT  A P     1 
ATOM   105 O OP1   . DT  A 1 6  ? -3.067  7.039   11.933  1.00 49.12  ? 6   DT  A OP1   1 
ATOM   106 O OP2   . DT  A 1 6  ? -5.590  6.984   11.147  1.00 49.55  ? 6   DT  A OP2   1 
ATOM   107 O "O5'" . DT  A 1 6  ? -3.965  8.882   10.615  1.00 51.71  ? 6   DT  A "O5'" 1 
ATOM   108 C "C5'" . DT  A 1 6  ? -4.706  9.562   9.610   1.00 52.15  ? 6   DT  A "C5'" 1 
ATOM   109 C "C4'" . DT  A 1 6  ? -4.537  11.047  9.879   1.00 50.88  ? 6   DT  A "C4'" 1 
ATOM   110 O "O4'" . DT  A 1 6  ? -3.220  11.480  9.558   1.00 51.90  ? 6   DT  A "O4'" 1 
ATOM   111 C "C3'" . DT  A 1 6  ? -5.502  11.869  9.050   1.00 53.13  ? 6   DT  A "C3'" 1 
ATOM   112 O "O3'" . DT  A 1 6  ? -6.111  12.819  9.932   1.00 52.73  ? 6   DT  A "O3'" 1 
ATOM   113 C "C2'" . DT  A 1 6  ? -4.625  12.623  8.067   1.00 51.00  ? 6   DT  A "C2'" 1 
ATOM   114 C "C1'" . DT  A 1 6  ? -3.278  12.680  8.769   1.00 52.37  ? 6   DT  A "C1'" 1 
ATOM   115 N N1    . DT  A 1 6  ? -2.126  12.781  7.856   1.00 52.29  ? 6   DT  A N1    1 
ATOM   116 C C2    . DT  A 1 6  ? -1.160  13.808  8.061   1.00 51.59  ? 6   DT  A C2    1 
ATOM   117 O O2    . DT  A 1 6  ? -1.302  14.623  8.999   1.00 54.88  ? 6   DT  A O2    1 
ATOM   118 N N3    . DT  A 1 6  ? -0.088  13.933  7.255   1.00 52.27  ? 6   DT  A N3    1 
ATOM   119 C C4    . DT  A 1 6  ? 0.096   13.071  6.240   1.00 53.53  ? 6   DT  A C4    1 
ATOM   120 O O4    . DT  A 1 6  ? 1.098   13.184  5.497   1.00 57.61  ? 6   DT  A O4    1 
ATOM   121 C C5    . DT  A 1 6  ? -0.900  11.983  6.001   1.00 53.13  ? 6   DT  A C5    1 
ATOM   122 C C7    . DT  A 1 6  ? -0.738  10.988  4.877   1.00 51.37  ? 6   DT  A C7    1 
ATOM   123 C C6    . DT  A 1 6  ? -1.993  11.895  6.853   1.00 51.16  ? 6   DT  A C6    1 
ATOM   124 P P     . DT  A 1 7  ? -7.498  12.495  10.658  1.00 50.81  ? 7   DT  A P     1 
ATOM   125 O OP1   . DT  A 1 7  ? -7.611  13.410  11.852  1.00 52.80  ? 7   DT  A OP1   1 
ATOM   126 O OP2   . DT  A 1 7  ? -7.624  10.996  10.809  1.00 57.10  ? 7   DT  A OP2   1 
ATOM   127 O "O5'" . DT  A 1 7  ? -8.595  12.871  9.561   1.00 46.37  ? 7   DT  A "O5'" 1 
ATOM   128 C "C5'" . DT  A 1 7  ? -8.598  14.129  8.910   1.00 45.21  ? 7   DT  A "C5'" 1 
ATOM   129 C "C4'" . DT  A 1 7  ? -9.128  13.909  7.501   1.00 43.69  ? 7   DT  A "C4'" 1 
ATOM   130 O "O4'" . DT  A 1 7  ? -9.426  15.155  6.893   1.00 44.85  ? 7   DT  A "O4'" 1 
ATOM   131 C "C3'" . DT  A 1 7  ? -8.065  13.309  6.622   1.00 44.80  ? 7   DT  A "C3'" 1 
ATOM   132 O "O3'" . DT  A 1 7  ? -8.756  12.612  5.594   1.00 49.52  ? 7   DT  A "O3'" 1 
ATOM   133 C "C2'" . DT  A 1 7  ? -7.347  14.495  6.011   1.00 42.94  ? 7   DT  A "C2'" 1 
ATOM   134 C "C1'" . DT  A 1 7  ? -8.351  15.642  6.086   1.00 44.06  ? 7   DT  A "C1'" 1 
ATOM   135 N N1    . DT  A 1 7  ? -7.763  16.849  6.699   1.00 41.36  ? 7   DT  A N1    1 
ATOM   136 C C2    . DT  A 1 7  ? -6.698  17.535  6.045   1.00 41.80  ? 7   DT  A C2    1 
ATOM   137 O O2    . DT  A 1 7  ? -6.241  17.141  4.938   1.00 41.70  ? 7   DT  A O2    1 
ATOM   138 N N3    . DT  A 1 7  ? -6.155  18.618  6.600   1.00 41.47  ? 7   DT  A N3    1 
ATOM   139 C C4    . DT  A 1 7  ? -6.601  19.102  7.767   1.00 42.68  ? 7   DT  A C4    1 
ATOM   140 O O4    . DT  A 1 7  ? -6.063  20.115  8.249   1.00 45.95  ? 7   DT  A O4    1 
ATOM   141 C C5    . DT  A 1 7  ? -7.705  18.420  8.470   1.00 42.00  ? 7   DT  A C5    1 
ATOM   142 C C7    . DT  A 1 7  ? -8.239  18.924  9.787   1.00 44.20  ? 7   DT  A C7    1 
ATOM   143 C C6    . DT  A 1 7  ? -8.242  17.290  7.876   1.00 43.10  ? 7   DT  A C6    1 
ATOM   144 P P     . DA  A 1 8  ? -8.130  11.285  4.969   1.00 50.11  ? 8   DA  A P     1 
ATOM   145 O OP1   . DA  A 1 8  ? -9.114  10.723  4.020   1.00 53.98  ? 8   DA  A OP1   1 
ATOM   146 O OP2   . DA  A 1 8  ? -7.580  10.462  6.073   1.00 51.39  ? 8   DA  A OP2   1 
ATOM   147 O "O5'" . DA  A 1 8  ? -6.891  11.835  4.135   1.00 47.31  ? 8   DA  A "O5'" 1 
ATOM   148 C "C5'" . DA  A 1 8  ? -7.075  12.436  2.852   1.00 45.60  ? 8   DA  A "C5'" 1 
ATOM   149 C "C4'" . DA  A 1 8  ? -5.745  12.575  2.159   1.00 44.25  ? 8   DA  A "C4'" 1 
ATOM   150 O "O4'" . DA  A 1 8  ? -5.027  13.724  2.676   1.00 43.53  ? 8   DA  A "O4'" 1 
ATOM   151 C "C3'" . DA  A 1 8  ? -4.778  11.396  2.279   1.00 47.55  ? 8   DA  A "C3'" 1 
ATOM   152 O "O3'" . DA  A 1 8  ? -4.198  11.375  0.984   1.00 51.19  ? 8   DA  A "O3'" 1 
ATOM   153 C "C2'" . DA  A 1 8  ? -3.722  11.914  3.253   1.00 46.32  ? 8   DA  A "C2'" 1 
ATOM   154 C "C1'" . DA  A 1 8  ? -3.672  13.380  2.841   1.00 42.39  ? 8   DA  A "C1'" 1 
ATOM   155 N N9    . DA  A 1 8  ? -3.064  14.315  3.786   1.00 42.00  ? 8   DA  A N9    1 
ATOM   156 C C8    . DA  A 1 8  ? -3.601  14.830  4.938   1.00 39.21  ? 8   DA  A C8    1 
ATOM   157 N N7    . DA  A 1 8  ? -2.817  15.681  5.553   1.00 41.35  ? 8   DA  A N7    1 
ATOM   158 C C5    . DA  A 1 8  ? -1.697  15.753  4.737   1.00 40.04  ? 8   DA  A C5    1 
ATOM   159 C C6    . DA  A 1 8  ? -0.502  16.490  4.832   1.00 42.83  ? 8   DA  A C6    1 
ATOM   160 N N6    . DA  A 1 8  ? -0.224  17.326  5.838   1.00 40.00  ? 8   DA  A N6    1 
ATOM   161 N N1    . DA  A 1 8  ? 0.419   16.320  3.857   1.00 42.62  ? 8   DA  A N1    1 
ATOM   162 C C2    . DA  A 1 8  ? 0.142   15.478  2.853   1.00 42.52  ? 8   DA  A C2    1 
ATOM   163 N N3    . DA  A 1 8  ? -0.947  14.737  2.649   1.00 42.41  ? 8   DA  A N3    1 
ATOM   164 C C4    . DA  A 1 8  ? -1.837  14.921  3.642   1.00 42.38  ? 8   DA  A C4    1 
ATOM   165 P P     . DG  A 1 9  ? -3.654  10.024  0.354   1.00 55.25  ? 9   DG  A P     1 
ATOM   166 O OP1   . DG  A 1 9  ? -2.696  9.406   1.315   1.00 51.64  ? 9   DG  A OP1   1 
ATOM   167 O OP2   . DG  A 1 9  ? -3.239  10.330  -1.041  1.00 57.10  ? 9   DG  A OP2   1 
ATOM   168 O "O5'" . DG  A 1 9  ? -4.943  9.100   0.354   1.00 51.26  ? 9   DG  A "O5'" 1 
ATOM   169 C "C5'" . DG  A 1 9  ? -5.878  9.140   -0.722  1.00 46.92  ? 9   DG  A "C5'" 1 
ATOM   170 C "C4'" . DG  A 1 9  ? -6.565  7.801   -0.784  1.00 46.76  ? 9   DG  A "C4'" 1 
ATOM   171 O "O4'" . DG  A 1 9  ? -5.664  6.829   -1.378  1.00 44.08  ? 9   DG  A "O4'" 1 
ATOM   172 C "C3'" . DG  A 1 9  ? -6.979  7.228   0.567   1.00 46.94  ? 9   DG  A "C3'" 1 
ATOM   173 O "O3'" . DG  A 1 9  ? -8.254  6.663   0.324   1.00 50.37  ? 9   DG  A "O3'" 1 
ATOM   174 C "C2'" . DG  A 1 9  ? -5.896  6.189   0.860   1.00 42.89  ? 9   DG  A "C2'" 1 
ATOM   175 C "C1'" . DG  A 1 9  ? -5.578  5.693   -0.547  1.00 42.22  ? 9   DG  A "C1'" 1 
ATOM   176 N N9    . DG  A 1 9  ? -4.248  5.117   -0.698  1.00 36.43  ? 9   DG  A N9    1 
ATOM   177 C C8    . DG  A 1 9  ? -3.047  5.708   -0.392  1.00 34.00  ? 9   DG  A C8    1 
ATOM   178 N N7    . DG  A 1 9  ? -2.022  4.942   -0.643  1.00 32.40  ? 9   DG  A N7    1 
ATOM   179 C C5    . DG  A 1 9  ? -2.580  3.781   -1.157  1.00 32.47  ? 9   DG  A C5    1 
ATOM   180 C C6    . DG  A 1 9  ? -1.962  2.593   -1.608  1.00 30.75  ? 9   DG  A C6    1 
ATOM   181 O O6    . DG  A 1 9  ? -0.760  2.318   -1.640  1.00 34.17  ? 9   DG  A O6    1 
ATOM   182 N N1    . DG  A 1 9  ? -2.900  1.659   -2.031  1.00 30.63  ? 9   DG  A N1    1 
ATOM   183 C C2    . DG  A 1 9  ? -4.258  1.851   -2.042  1.00 31.68  ? 9   DG  A C2    1 
ATOM   184 N N2    . DG  A 1 9  ? -5.001  0.826   -2.490  1.00 34.23  ? 9   DG  A N2    1 
ATOM   185 N N3    . DG  A 1 9  ? -4.846  2.961   -1.636  1.00 32.65  ? 9   DG  A N3    1 
ATOM   186 C C4    . DG  A 1 9  ? -3.953  3.874   -1.200  1.00 33.37  ? 9   DG  A C4    1 
ATOM   187 P P     . DG  A 1 10 ? -9.107  6.049   1.511   1.00 56.97  ? 10  DG  A P     1 
ATOM   188 O OP1   . DG  A 1 10 ? -10.517 6.423   1.271   1.00 54.76  ? 10  DG  A OP1   1 
ATOM   189 O OP2   . DG  A 1 10 ? -8.437  6.373   2.788   1.00 51.98  ? 10  DG  A OP2   1 
ATOM   190 O "O5'" . DG  A 1 10 ? -8.936  4.483   1.295   1.00 54.66  ? 10  DG  A "O5'" 1 
ATOM   191 C "C5'" . DG  A 1 10 ? -9.328  3.890   0.057   1.00 50.09  ? 10  DG  A "C5'" 1 
ATOM   192 C "C4'" . DG  A 1 10 ? -9.444  2.400   0.220   1.00 46.96  ? 10  DG  A "C4'" 1 
ATOM   193 O "O4'" . DG  A 1 10 ? -8.150  1.795   -0.029  1.00 44.38  ? 10  DG  A "O4'" 1 
ATOM   194 C "C3'" . DG  A 1 10 ? -9.892  1.903   1.590   1.00 46.71  ? 10  DG  A "C3'" 1 
ATOM   195 O "O3'" . DG  A 1 10 ? -10.697 0.773   1.272   1.00 50.07  ? 10  DG  A "O3'" 1 
ATOM   196 C "C2'" . DG  A 1 10 ? -8.574  1.520   2.257   1.00 44.27  ? 10  DG  A "C2'" 1 
ATOM   197 C "C1'" . DG  A 1 10 ? -7.784  0.980   1.067   1.00 41.86  ? 10  DG  A "C1'" 1 
ATOM   198 N N9    . DG  A 1 10 ? -6.335  1.056   1.196   1.00 35.62  ? 10  DG  A N9    1 
ATOM   199 C C8    . DG  A 1 10 ? -5.606  2.153   1.576   1.00 32.67  ? 10  DG  A C8    1 
ATOM   200 N N7    . DG  A 1 10 ? -4.319  1.943   1.565   1.00 32.92  ? 10  DG  A N7    1 
ATOM   201 C C5    . DG  A 1 10 ? -4.188  0.650   1.083   1.00 32.65  ? 10  DG  A C5    1 
ATOM   202 C C6    . DG  A 1 10 ? -3.029  -0.119  0.837   1.00 32.43  ? 10  DG  A C6    1 
ATOM   203 O O6    . DG  A 1 10 ? -1.843  0.203   0.989   1.00 32.91  ? 10  DG  A O6    1 
ATOM   204 N N1    . DG  A 1 10 ? -3.349  -1.393  0.377   1.00 33.04  ? 10  DG  A N1    1 
ATOM   205 C C2    . DG  A 1 10 ? -4.623  -1.861  0.170   1.00 36.71  ? 10  DG  A C2    1 
ATOM   206 N N2    . DG  A 1 10 ? -4.729  -3.124  -0.275  1.00 35.40  ? 10  DG  A N2    1 
ATOM   207 N N3    . DG  A 1 10 ? -5.714  -1.151  0.398   1.00 35.52  ? 10  DG  A N3    1 
ATOM   208 C C4    . DG  A 1 10 ? -5.424  0.086   0.855   1.00 35.15  ? 10  DG  A C4    1 
ATOM   209 P P     . DG  A 1 11 ? -11.505 -0.010  2.400   1.00 50.83  ? 11  DG  A P     1 
ATOM   210 O OP1   . DG  A 1 11 ? -12.844 -0.330  1.855   1.00 55.97  ? 11  DG  A OP1   1 
ATOM   211 O OP2   . DG  A 1 11 ? -11.349 0.713   3.690   1.00 48.56  ? 11  DG  A OP2   1 
ATOM   212 O "O5'" . DG  A 1 11 ? -10.757 -1.410  2.471   1.00 47.03  ? 11  DG  A "O5'" 1 
ATOM   213 C "C5'" . DG  A 1 11 ? -10.660 -2.232  1.308   1.00 45.07  ? 11  DG  A "C5'" 1 
ATOM   214 C "C4'" . DG  A 1 11 ? -10.008 -3.528  1.696   1.00 47.92  ? 11  DG  A "C4'" 1 
ATOM   215 O "O4'" . DG  A 1 11 ? -8.566  -3.360  1.725   1.00 46.72  ? 11  DG  A "O4'" 1 
ATOM   216 C "C3'" . DG  A 1 11 ? -10.396 -4.061  3.070   1.00 47.35  ? 11  DG  A "C3'" 1 
ATOM   217 O "O3'" . DG  A 1 11 ? -10.508 -5.460  2.858   1.00 52.40  ? 11  DG  A "O3'" 1 
ATOM   218 C "C2'" . DG  A 1 11 ? -9.190  -3.703  3.938   1.00 47.52  ? 11  DG  A "C2'" 1 
ATOM   219 C "C1'" . DG  A 1 11 ? -8.050  -3.872  2.937   1.00 43.59  ? 11  DG  A "C1'" 1 
ATOM   220 N N9    . DG  A 1 11 ? -6.825  -3.142  3.238   1.00 39.38  ? 11  DG  A N9    1 
ATOM   221 C C8    . DG  A 1 11 ? -6.718  -1.837  3.650   1.00 38.33  ? 11  DG  A C8    1 
ATOM   222 N N7    . DG  A 1 11 ? -5.483  -1.442  3.782   1.00 35.48  ? 11  DG  A N7    1 
ATOM   223 C C5    . DG  A 1 11 ? -4.729  -2.538  3.390   1.00 35.34  ? 11  DG  A C5    1 
ATOM   224 C C6    . DG  A 1 11 ? -3.325  -2.708  3.321   1.00 37.00  ? 11  DG  A C6    1 
ATOM   225 O O6    . DG  A 1 11 ? -2.437  -1.888  3.580   1.00 34.35  ? 11  DG  A O6    1 
ATOM   226 N N1    . DG  A 1 11 ? -2.983  -3.985  2.890   1.00 37.15  ? 11  DG  A N1    1 
ATOM   227 C C2    . DG  A 1 11 ? -3.878  -4.975  2.570   1.00 39.33  ? 11  DG  A C2    1 
ATOM   228 N N2    . DG  A 1 11 ? -3.353  -6.140  2.166   1.00 38.51  ? 11  DG  A N2    1 
ATOM   229 N N3    . DG  A 1 11 ? -5.190  -4.827  2.624   1.00 39.98  ? 11  DG  A N3    1 
ATOM   230 C C4    . DG  A 1 11 ? -5.542  -3.596  3.050   1.00 37.20  ? 11  DG  A C4    1 
ATOM   231 P P     . DT  A 1 12 ? -11.608 -6.320  3.630   1.00 50.96  ? 12  DT  A P     1 
ATOM   232 O OP1   . DT  A 1 12 ? -11.176 -6.431  5.066   1.00 54.61  ? 12  DT  A OP1   1 
ATOM   233 O OP2   . DT  A 1 12 ? -11.904 -7.520  2.772   1.00 53.29  ? 12  DT  A OP2   1 
ATOM   234 O "O5'" . DT  A 1 12 ? -12.870 -5.335  3.706   1.00 49.97  ? 12  DT  A "O5'" 1 
ATOM   235 C "C5'" . DT  A 1 12 ? -13.723 -4.974  2.616   1.00 51.84  ? 12  DT  A "C5'" 1 
ATOM   236 C "C4'" . DT  A 1 12 ? -14.748 -3.947  3.121   1.00 53.21  ? 12  DT  A "C4'" 1 
ATOM   237 O "O4'" . DT  A 1 12 ? -15.684 -4.507  4.059   1.00 52.96  ? 12  DT  A "O4'" 1 
ATOM   238 C "C3'" . DT  A 1 12 ? -14.102 -2.808  3.891   1.00 55.83  ? 12  DT  A "C3'" 1 
ATOM   239 O "O3'" . DT  A 1 12 ? -14.842 -1.632  3.540   1.00 59.50  ? 12  DT  A "O3'" 1 
ATOM   240 C "C2'" . DT  A 1 12 ? -14.268 -3.149  5.376   1.00 54.49  ? 12  DT  A "C2'" 1 
ATOM   241 C "C1'" . DT  A 1 12 ? -15.567 -3.952  5.391   1.00 52.39  ? 12  DT  A "C1'" 1 
ATOM   242 N N1    . DT  A 1 12 ? -15.705 -5.132  6.257   1.00 50.56  ? 12  DT  A N1    1 
ATOM   243 C C2    . DT  A 1 12 ? -16.900 -5.326  7.013   1.00 49.49  ? 12  DT  A C2    1 
ATOM   244 O O2    . DT  A 1 12 ? -17.814 -4.459  7.013   1.00 48.31  ? 12  DT  A O2    1 
ATOM   245 N N3    . DT  A 1 12 ? -17.064 -6.430  7.761   1.00 46.41  ? 12  DT  A N3    1 
ATOM   246 C C4    . DT  A 1 12 ? -16.122 -7.394  7.789   1.00 46.51  ? 12  DT  A C4    1 
ATOM   247 O O4    . DT  A 1 12 ? -16.304 -8.434  8.472   1.00 45.56  ? 12  DT  A O4    1 
ATOM   248 C C5    . DT  A 1 12 ? -14.873 -7.220  7.001   1.00 45.44  ? 12  DT  A C5    1 
ATOM   249 C C7    . DT  A 1 12 ? -13.771 -8.252  6.991   1.00 47.15  ? 12  DT  A C7    1 
ATOM   250 C C6    . DT  A 1 12 ? -14.741 -6.073  6.242   1.00 48.41  ? 12  DT  A C6    1 
ATOM   251 C "C4'" . DT  B 1 1  ? -4.720  4.795   -7.255  1.00 55.75  ? 13  DT  B "C4'" 1 
ATOM   252 O "O4'" . DT  B 1 1  ? -3.404  4.390   -6.877  1.00 56.10  ? 13  DT  B "O4'" 1 
ATOM   253 C "C3'" . DT  B 1 1  ? -5.621  4.272   -6.143  1.00 56.35  ? 13  DT  B "C3'" 1 
ATOM   254 O "O3'" . DT  B 1 1  ? -6.118  2.987   -6.510  1.00 55.56  ? 13  DT  B "O3'" 1 
ATOM   255 C "C2'" . DT  B 1 1  ? -4.745  4.085   -4.917  1.00 51.67  ? 13  DT  B "C2'" 1 
ATOM   256 C "C1'" . DT  B 1 1  ? -3.347  3.957   -5.488  1.00 48.63  ? 13  DT  B "C1'" 1 
ATOM   257 N N1    . DT  B 1 1  ? -2.389  4.792   -4.758  1.00 40.45  ? 13  DT  B N1    1 
ATOM   258 C C2    . DT  B 1 1  ? -1.054  4.369   -4.631  1.00 39.78  ? 13  DT  B C2    1 
ATOM   259 O O2    . DT  B 1 1  ? -0.663  3.269   -5.110  1.00 39.31  ? 13  DT  B O2    1 
ATOM   260 N N3    . DT  B 1 1  ? -0.162  5.135   -3.984  1.00 41.41  ? 13  DT  B N3    1 
ATOM   261 C C4    . DT  B 1 1  ? -0.499  6.311   -3.456  1.00 38.50  ? 13  DT  B C4    1 
ATOM   262 O O4    . DT  B 1 1  ? 0.358   6.996   -2.875  1.00 40.53  ? 13  DT  B O4    1 
ATOM   263 C C5    . DT  B 1 1  ? -1.881  6.775   -3.580  1.00 37.53  ? 13  DT  B C5    1 
ATOM   264 C C7    . DT  B 1 1  ? -2.293  8.095   -2.988  1.00 41.94  ? 13  DT  B C7    1 
ATOM   265 C C6    . DT  B 1 1  ? -2.786  5.969   -4.248  1.00 38.31  ? 13  DT  B C6    1 
ATOM   266 P P     . DA  B 1 2  ? -7.659  2.642   -6.299  1.00 56.96  ? 14  DA  B P     1 
ATOM   267 O OP1   . DA  B 1 2  ? -8.454  3.555   -7.155  1.00 62.86  ? 14  DA  B OP1   1 
ATOM   268 O OP2   . DA  B 1 2  ? -7.933  2.576   -4.839  1.00 57.19  ? 14  DA  B OP2   1 
ATOM   269 O "O5'" . DA  B 1 2  ? -7.778  1.165   -6.873  1.00 54.28  ? 14  DA  B "O5'" 1 
ATOM   270 C "C5'" . DA  B 1 2  ? -7.502  0.879   -8.253  1.00 54.58  ? 14  DA  B "C5'" 1 
ATOM   271 C "C4'" . DA  B 1 2  ? -7.335  -0.607  -8.426  1.00 55.15  ? 14  DA  B "C4'" 1 
ATOM   272 O "O4'" . DA  B 1 2  ? -5.926  -0.953  -8.396  1.00 54.98  ? 14  DA  B "O4'" 1 
ATOM   273 C "C3'" . DA  B 1 2  ? -7.973  -1.468  -7.344  1.00 57.58  ? 14  DA  B "C3'" 1 
ATOM   274 O "O3'" . DA  B 1 2  ? -8.242  -2.730  -7.926  1.00 66.98  ? 14  DA  B "O3'" 1 
ATOM   275 C "C2'" . DA  B 1 2  ? -6.867  -1.577  -6.298  1.00 55.40  ? 14  DA  B "C2'" 1 
ATOM   276 C "C1'" . DA  B 1 2  ? -5.609  -1.595  -7.169  1.00 53.10  ? 14  DA  B "C1'" 1 
ATOM   277 N N9    . DA  B 1 2  ? -4.474  -0.887  -6.575  1.00 46.26  ? 14  DA  B N9    1 
ATOM   278 C C8    . DA  B 1 2  ? -4.493  0.306   -5.897  1.00 43.12  ? 14  DA  B C8    1 
ATOM   279 N N7    . DA  B 1 2  ? -3.312  0.704   -5.497  1.00 43.01  ? 14  DA  B N7    1 
ATOM   280 C C5    . DA  B 1 2  ? -2.453  -0.280  -5.965  1.00 42.60  ? 14  DA  B C5    1 
ATOM   281 C C6    . DA  B 1 2  ? -1.061  -0.444  -5.868  1.00 43.03  ? 14  DA  B C6    1 
ATOM   282 N N6    . DA  B 1 2  ? -0.258  0.424   -5.249  1.00 44.48  ? 14  DA  B N6    1 
ATOM   283 N N1    . DA  B 1 2  ? -0.518  -1.549  -6.423  1.00 46.02  ? 14  DA  B N1    1 
ATOM   284 C C2    . DA  B 1 2  ? -1.326  -2.420  -7.038  1.00 46.72  ? 14  DA  B C2    1 
ATOM   285 N N3    . DA  B 1 2  ? -2.649  -2.380  -7.188  1.00 47.47  ? 14  DA  B N3    1 
ATOM   286 C C4    . DA  B 1 2  ? -3.156  -1.267  -6.629  1.00 44.75  ? 14  DA  B C4    1 
ATOM   287 P P     . DG  B 1 3  ? -9.145  -3.770  -7.152  1.00 68.59  ? 15  DG  B P     1 
ATOM   288 O OP1   . DG  B 1 3  ? -9.828  -4.612  -8.167  1.00 74.79  ? 15  DG  B OP1   1 
ATOM   289 O OP2   . DG  B 1 3  ? -9.924  -3.026  -6.123  1.00 67.84  ? 15  DG  B OP2   1 
ATOM   290 O "O5'" . DG  B 1 3  ? -8.083  -4.663  -6.379  1.00 64.17  ? 15  DG  B "O5'" 1 
ATOM   291 C "C5'" . DG  B 1 3  ? -7.269  -5.587  -7.102  1.00 60.31  ? 15  DG  B "C5'" 1 
ATOM   292 C "C4'" . DG  B 1 3  ? -6.231  -6.146  -6.175  1.00 57.16  ? 15  DG  B "C4'" 1 
ATOM   293 O "O4'" . DG  B 1 3  ? -5.291  -5.095  -5.827  1.00 53.12  ? 15  DG  B "O4'" 1 
ATOM   294 C "C3'" . DG  B 1 3  ? -6.753  -6.700  -4.849  1.00 57.30  ? 15  DG  B "C3'" 1 
ATOM   295 O "O3'" . DG  B 1 3  ? -5.955  -7.853  -4.661  1.00 63.30  ? 15  DG  B "O3'" 1 
ATOM   296 C "C2'" . DG  B 1 3  ? -6.292  -5.662  -3.830  1.00 51.61  ? 15  DG  B "C2'" 1 
ATOM   297 C "C1'" . DG  B 1 3  ? -4.981  -5.217  -4.464  1.00 48.64  ? 15  DG  B "C1'" 1 
ATOM   298 N N9    . DG  B 1 3  ? -4.428  -3.959  -3.981  1.00 45.10  ? 15  DG  B N9    1 
ATOM   299 C C8    . DG  B 1 3  ? -5.106  -2.861  -3.505  1.00 43.46  ? 15  DG  B C8    1 
ATOM   300 N N7    . DG  B 1 3  ? -4.313  -1.901  -3.117  1.00 40.23  ? 15  DG  B N7    1 
ATOM   301 C C5    . DG  B 1 3  ? -3.036  -2.395  -3.347  1.00 39.33  ? 15  DG  B C5    1 
ATOM   302 C C6    . DG  B 1 3  ? -1.769  -1.810  -3.109  1.00 39.13  ? 15  DG  B C6    1 
ATOM   303 O O6    . DG  B 1 3  ? -1.512  -0.694  -2.644  1.00 40.87  ? 15  DG  B O6    1 
ATOM   304 N N1    . DG  B 1 3  ? -0.734  -2.657  -3.492  1.00 36.49  ? 15  DG  B N1    1 
ATOM   305 C C2    . DG  B 1 3  ? -0.897  -3.916  -4.011  1.00 38.72  ? 15  DG  B C2    1 
ATOM   306 N N2    . DG  B 1 3  ? 0.225   -4.589  -4.302  1.00 39.97  ? 15  DG  B N2    1 
ATOM   307 N N3    . DG  B 1 3  ? -2.073  -4.475  -4.234  1.00 39.30  ? 15  DG  B N3    1 
ATOM   308 C C4    . DG  B 1 3  ? -3.092  -3.663  -3.881  1.00 41.14  ? 15  DG  B C4    1 
ATOM   309 P P     . DG  B 1 4  ? -6.477  -9.087  -3.814  1.00 65.76  ? 16  DG  B P     1 
ATOM   310 O OP1   . DG  B 1 4  ? -7.100  -10.035 -4.764  1.00 72.13  ? 16  DG  B OP1   1 
ATOM   311 O OP2   . DG  B 1 4  ? -7.250  -8.581  -2.650  1.00 65.91  ? 16  DG  B OP2   1 
ATOM   312 O "O5'" . DG  B 1 4  ? -5.117  -9.723  -3.282  1.00 68.52  ? 16  DG  B "O5'" 1 
ATOM   313 C "C5'" . DG  B 1 4  ? -3.942  -9.695  -4.124  1.00 68.82  ? 16  DG  B "C5'" 1 
ATOM   314 C "C4'" . DG  B 1 4  ? -2.683  -9.771  -3.292  1.00 67.08  ? 16  DG  B "C4'" 1 
ATOM   315 O "O4'" . DG  B 1 4  ? -2.138  -8.435  -3.127  1.00 62.05  ? 16  DG  B "O4'" 1 
ATOM   316 C "C3'" . DG  B 1 4  ? -2.849  -10.350 -1.886  1.00 64.73  ? 16  DG  B "C3'" 1 
ATOM   317 O "O3'" . DG  B 1 4  ? -1.910  -11.386 -1.614  1.00 66.60  ? 16  DG  B "O3'" 1 
ATOM   318 C "C2'" . DG  B 1 4  ? -2.612  -9.153  -0.971  1.00 58.35  ? 16  DG  B "C2'" 1 
ATOM   319 C "C1'" . DG  B 1 4  ? -1.669  -8.297  -1.810  1.00 55.83  ? 16  DG  B "C1'" 1 
ATOM   320 N N9    . DG  B 1 4  ? -1.751  -6.890  -1.436  1.00 47.85  ? 16  DG  B N9    1 
ATOM   321 C C8    . DG  B 1 4  ? -2.900  -6.154  -1.281  1.00 45.38  ? 16  DG  B C8    1 
ATOM   322 N N7    . DG  B 1 4  ? -2.675  -4.931  -0.889  1.00 40.76  ? 16  DG  B N7    1 
ATOM   323 C C5    . DG  B 1 4  ? -1.295  -4.853  -0.781  1.00 39.99  ? 16  DG  B C5    1 
ATOM   324 C C6    . DG  B 1 4  ? -0.469  -3.767  -0.412  1.00 36.20  ? 16  DG  B C6    1 
ATOM   325 O O6    . DG  B 1 4  ? -0.804  -2.627  -0.089  1.00 32.54  ? 16  DG  B O6    1 
ATOM   326 N N1    . DG  B 1 4  ? 0.879   -4.116  -0.439  1.00 34.28  ? 16  DG  B N1    1 
ATOM   327 C C2    . DG  B 1 4  ? 1.367   -5.356  -0.767  1.00 38.94  ? 16  DG  B C2    1 
ATOM   328 N N2    . DG  B 1 4  ? 2.699   -5.502  -0.712  1.00 36.88  ? 16  DG  B N2    1 
ATOM   329 N N3    . DG  B 1 4  ? 0.604   -6.377  -1.127  1.00 40.03  ? 16  DG  B N3    1 
ATOM   330 C C4    . DG  B 1 4  ? -0.709  -6.056  -1.110  1.00 42.37  ? 16  DG  B C4    1 
ATOM   331 P P     . DG  B 1 5  ? -1.900  -12.119 -0.185  1.00 70.17  ? 17  DG  B P     1 
ATOM   332 O OP1   . DG  B 1 5  ? -1.908  -13.582 -0.418  1.00 81.51  ? 17  DG  B OP1   1 
ATOM   333 O OP2   . DG  B 1 5  ? -2.936  -11.508 0.694   1.00 72.43  ? 17  DG  B OP2   1 
ATOM   334 O "O5'" . DG  B 1 5  ? -0.510  -11.666 0.439   1.00 68.33  ? 17  DG  B "O5'" 1 
ATOM   335 C "C5'" . DG  B 1 5  ? 0.750   -12.140 -0.056  1.00 62.54  ? 17  DG  B "C5'" 1 
ATOM   336 C "C4'" . DG  B 1 5  ? 1.839   -11.646 0.862   1.00 58.61  ? 17  DG  B "C4'" 1 
ATOM   337 O "O4'" . DG  B 1 5  ? 1.808   -10.193 0.865   1.00 55.95  ? 17  DG  B "O4'" 1 
ATOM   338 C "C3'" . DG  B 1 5  ? 1.707   -12.086 2.322   1.00 56.57  ? 17  DG  B "C3'" 1 
ATOM   339 O "O3'" . DG  B 1 5  ? 2.965   -12.406 2.903   1.00 57.78  ? 17  DG  B "O3'" 1 
ATOM   340 C "C2'" . DG  B 1 5  ? 1.132   -10.852 3.014   1.00 54.12  ? 17  DG  B "C2'" 1 
ATOM   341 C "C1'" . DG  B 1 5  ? 1.763   -9.729  2.197   1.00 52.41  ? 17  DG  B "C1'" 1 
ATOM   342 N N9    . DG  B 1 5  ? 1.005   -8.480  2.244   1.00 48.80  ? 17  DG  B N9    1 
ATOM   343 C C8    . DG  B 1 5  ? -0.354  -8.321  2.129   1.00 45.55  ? 17  DG  B C8    1 
ATOM   344 N N7    . DG  B 1 5  ? -0.736  -7.081  2.268   1.00 46.37  ? 17  DG  B N7    1 
ATOM   345 C C5    . DG  B 1 5  ? 0.439   -6.383  2.503   1.00 40.83  ? 17  DG  B C5    1 
ATOM   346 C C6    . DG  B 1 5  ? 0.655   -5.005  2.739   1.00 38.51  ? 17  DG  B C6    1 
ATOM   347 O O6    . DG  B 1 5  ? -0.177  -4.095  2.783   1.00 36.12  ? 17  DG  B O6    1 
ATOM   348 N N1    . DG  B 1 5  ? 2.002   -4.724  2.948   1.00 35.48  ? 17  DG  B N1    1 
ATOM   349 C C2    . DG  B 1 5  ? 3.013   -5.653  2.932   1.00 38.43  ? 17  DG  B C2    1 
ATOM   350 N N2    . DG  B 1 5  ? 4.251   -5.191  3.154   1.00 37.64  ? 17  DG  B N2    1 
ATOM   351 N N3    . DG  B 1 5  ? 2.824   -6.942  2.709   1.00 43.27  ? 17  DG  B N3    1 
ATOM   352 C C4    . DG  B 1 5  ? 1.522   -7.234  2.504   1.00 44.51  ? 17  DG  B C4    1 
ATOM   353 P P     . DT  B 1 6  ? 3.326   -13.916 3.294   1.00 56.34  ? 18  DT  B P     1 
ATOM   354 O OP1   . DT  B 1 6  ? 2.093   -14.562 3.862   1.00 57.96  ? 18  DT  B OP1   1 
ATOM   355 O OP2   . DT  B 1 6  ? 4.587   -13.873 4.116   1.00 55.55  ? 18  DT  B OP2   1 
ATOM   356 O "O5'" . DT  B 1 6  ? 3.662   -14.582 1.871   1.00 56.62  ? 18  DT  B "O5'" 1 
ATOM   357 C "C5'" . DT  B 1 6  ? 2.691   -15.315 1.112   1.00 66.77  ? 18  DT  B "C5'" 1 
ATOM   358 C "C4'" . DT  B 1 6  ? 3.205   -15.626 -0.297  1.00 69.57  ? 18  DT  B "C4'" 1 
ATOM   359 O "O4'" . DT  B 1 6  ? 2.734   -14.651 -1.237  1.00 77.29  ? 18  DT  B "O4'" 1 
ATOM   360 C "C3'" . DT  B 1 6  ? 4.728   -15.620 -0.355  1.00 72.25  ? 18  DT  B "C3'" 1 
ATOM   361 O "O3'" . DT  B 1 6  ? 5.236   -16.963 -0.536  1.00 67.17  ? 18  DT  B "O3'" 1 
ATOM   362 C "C2'" . DT  B 1 6  ? 5.093   -14.657 -1.483  1.00 74.48  ? 18  DT  B "C2'" 1 
ATOM   363 C "C1'" . DT  B 1 6  ? 3.812   -13.903 -1.820  1.00 75.81  ? 18  DT  B "C1'" 1 
ATOM   364 P P     . DT  B 1 7  ? 6.657   -17.402 0.102   1.00 63.46  ? 19  DT  B P     1 
ATOM   365 O OP1   . DT  B 1 7  ? 6.665   -18.901 0.238   1.00 69.80  ? 19  DT  B OP1   1 
ATOM   366 O OP2   . DT  B 1 7  ? 6.924   -16.559 1.325   1.00 67.81  ? 19  DT  B OP2   1 
ATOM   367 O "O5'" . DT  B 1 7  ? 7.685   -17.013 -1.038  1.00 59.38  ? 19  DT  B "O5'" 1 
ATOM   368 C "C5'" . DT  B 1 7  ? 8.998   -16.587 -0.755  1.00 58.63  ? 19  DT  B "C5'" 1 
ATOM   369 C "C4'" . DT  B 1 7  ? 9.562   -16.153 -2.095  1.00 54.34  ? 19  DT  B "C4'" 1 
ATOM   370 O "O4'" . DT  B 1 7  ? 9.677   -17.268 -2.979  1.00 51.16  ? 19  DT  B "O4'" 1 
ATOM   371 C "C3'" . DT  B 1 7  ? 8.680   -15.155 -2.790  1.00 52.24  ? 19  DT  B "C3'" 1 
ATOM   372 O "O3'" . DT  B 1 7  ? 9.639   -14.242 -3.267  1.00 60.00  ? 19  DT  B "O3'" 1 
ATOM   373 C "C2'" . DT  B 1 7  ? 8.091   -15.874 -3.982  1.00 51.26  ? 19  DT  B "C2'" 1 
ATOM   374 C "C1'" . DT  B 1 7  ? 9.030   -17.050 -4.225  1.00 47.78  ? 19  DT  B "C1'" 1 
ATOM   375 N N1    . DT  B 1 7  ? 8.278   -18.243 -4.634  1.00 43.41  ? 19  DT  B N1    1 
ATOM   376 C C2    . DT  B 1 7  ? 8.593   -18.898 -5.837  1.00 42.21  ? 19  DT  B C2    1 
ATOM   377 O O2    . DT  B 1 7  ? 9.520   -18.470 -6.549  1.00 44.43  ? 19  DT  B O2    1 
ATOM   378 N N3    . DT  B 1 7  ? 7.909   -19.971 -6.228  1.00 42.71  ? 19  DT  B N3    1 
ATOM   379 C C4    . DT  B 1 7  ? 6.918   -20.467 -5.482  1.00 42.91  ? 19  DT  B C4    1 
ATOM   380 O O4    . DT  B 1 7  ? 6.291   -21.463 -5.879  1.00 45.11  ? 19  DT  B O4    1 
ATOM   381 C C5    . DT  B 1 7  ? 6.563   -19.810 -4.199  1.00 42.39  ? 19  DT  B C5    1 
ATOM   382 C C7    . DT  B 1 7  ? 5.464   -20.297 -3.296  1.00 41.84  ? 19  DT  B C7    1 
ATOM   383 C C6    . DT  B 1 7  ? 7.294   -18.697 -3.841  1.00 43.00  ? 19  DT  B C6    1 
ATOM   384 P P     . DA  B 1 8  ? 9.216   -12.758 -3.612  1.00 69.34  ? 20  DA  B P     1 
ATOM   385 O OP1   . DA  B 1 8  ? 10.455  -11.962 -3.785  1.00 70.59  ? 20  DA  B OP1   1 
ATOM   386 O OP2   . DA  B 1 8  ? 8.177   -12.332 -2.633  1.00 66.30  ? 20  DA  B OP2   1 
ATOM   387 O "O5'" . DA  B 1 8  ? 8.605   -12.923 -5.071  1.00 73.28  ? 20  DA  B "O5'" 1 
ATOM   388 C "C5'" . DA  B 1 8  ? 7.261   -12.533 -5.379  1.00 69.39  ? 20  DA  B "C5'" 1 
ATOM   389 C "C4'" . DA  B 1 8  ? 7.261   -11.848 -6.718  1.00 66.89  ? 20  DA  B "C4'" 1 
ATOM   390 O "O4'" . DA  B 1 8  ? 7.599   -12.789 -7.753  1.00 68.90  ? 20  DA  B "O4'" 1 
ATOM   391 C "C3'" . DA  B 1 8  ? 5.940   -11.232 -7.143  1.00 66.24  ? 20  DA  B "C3'" 1 
ATOM   392 O "O3'" . DA  B 1 8  ? 6.179   -9.939  -6.610  1.00 68.24  ? 20  DA  B "O3'" 1 
ATOM   393 C "C2'" . DA  B 1 8  ? 5.999   -11.266 -8.676  1.00 65.83  ? 20  DA  B "C2'" 1 
ATOM   394 C "C1'" . DA  B 1 8  ? 7.027   -12.368 -8.972  1.00 59.78  ? 20  DA  B "C1'" 1 
ATOM   395 N N9    . DA  B 1 8  ? 6.511   -13.559 -9.652  1.00 50.86  ? 20  DA  B N9    1 
ATOM   396 C C8    . DA  B 1 8  ? 7.072   -14.201 -10.729 1.00 45.63  ? 20  DA  B C8    1 
ATOM   397 N N7    . DA  B 1 8  ? 6.412   -15.266 -11.112 1.00 44.22  ? 20  DA  B N7    1 
ATOM   398 C C5    . DA  B 1 8  ? 5.360   -15.349 -10.210 1.00 42.40  ? 20  DA  B C5    1 
ATOM   399 C C6    . DA  B 1 8  ? 4.307   -16.267 -10.068 1.00 41.18  ? 20  DA  B C6    1 
ATOM   400 N N6    . DA  B 1 8  ? 4.129   -17.318 -10.877 1.00 39.63  ? 20  DA  B N6    1 
ATOM   401 N N1    . DA  B 1 8  ? 3.421   -16.059 -9.067  1.00 42.36  ? 20  DA  B N1    1 
ATOM   402 C C2    . DA  B 1 8  ? 3.601   -15.002 -8.261  1.00 43.48  ? 20  DA  B C2    1 
ATOM   403 N N3    . DA  B 1 8  ? 4.555   -14.073 -8.289  1.00 43.18  ? 20  DA  B N3    1 
ATOM   404 C C4    . DA  B 1 8  ? 5.413   -14.307 -9.298  1.00 44.62  ? 20  DA  B C4    1 
ATOM   405 P P     . DG  B 1 9  ? 5.033   -8.854  -6.529  1.00 69.12  ? 21  DG  B P     1 
ATOM   406 O OP1   . DG  B 1 9  ? 3.936   -9.403  -5.688  1.00 68.78  ? 21  DG  B OP1   1 
ATOM   407 O OP2   . DG  B 1 9  ? 4.758   -8.390  -7.916  1.00 71.02  ? 21  DG  B OP2   1 
ATOM   408 O "O5'" . DG  B 1 9  ? 5.738   -7.678  -5.720  1.00 60.69  ? 21  DG  B "O5'" 1 
ATOM   409 C "C5'" . DG  B 1 9  ? 7.088   -7.292  -6.031  1.00 56.14  ? 21  DG  B "C5'" 1 
ATOM   410 C "C4'" . DG  B 1 9  ? 7.640   -6.378  -4.960  1.00 53.01  ? 21  DG  B "C4'" 1 
ATOM   411 O "O4'" . DG  B 1 9  ? 6.820   -5.184  -4.864  1.00 53.66  ? 21  DG  B "O4'" 1 
ATOM   412 C "C3'" . DG  B 1 9  ? 7.739   -6.948  -3.549  1.00 52.35  ? 21  DG  B "C3'" 1 
ATOM   413 O "O3'" . DG  B 1 9  ? 8.964   -6.464  -3.020  1.00 53.94  ? 21  DG  B "O3'" 1 
ATOM   414 C "C2'" . DG  B 1 9  ? 6.552   -6.314  -2.829  1.00 48.33  ? 21  DG  B "C2'" 1 
ATOM   415 C "C1'" . DG  B 1 9  ? 6.474   -4.954  -3.514  1.00 47.02  ? 21  DG  B "C1'" 1 
ATOM   416 N N9    . DG  B 1 9  ? 5.147   -4.344  -3.490  1.00 42.10  ? 21  DG  B N9    1 
ATOM   417 C C8    . DG  B 1 9  ? 3.967   -4.901  -3.917  1.00 40.66  ? 21  DG  B C8    1 
ATOM   418 N N7    . DG  B 1 9  ? 2.943   -4.106  -3.771  1.00 39.34  ? 21  DG  B N7    1 
ATOM   419 C C5    . DG  B 1 9  ? 3.482   -2.952  -3.222  1.00 37.37  ? 21  DG  B C5    1 
ATOM   420 C C6    . DG  B 1 9  ? 2.858   -1.738  -2.848  1.00 35.58  ? 21  DG  B C6    1 
ATOM   421 O O6    . DG  B 1 9  ? 1.663   -1.431  -2.926  1.00 33.91  ? 21  DG  B O6    1 
ATOM   422 N N1    . DG  B 1 9  ? 3.775   -0.836  -2.318  1.00 34.52  ? 21  DG  B N1    1 
ATOM   423 C C2    . DG  B 1 9  ? 5.122   -1.063  -2.185  1.00 34.89  ? 21  DG  B C2    1 
ATOM   424 N N2    . DG  B 1 9  ? 5.847   -0.064  -1.659  1.00 36.32  ? 21  DG  B N2    1 
ATOM   425 N N3    . DG  B 1 9  ? 5.713   -2.195  -2.520  1.00 36.22  ? 21  DG  B N3    1 
ATOM   426 C C4    . DG  B 1 9  ? 4.841   -3.085  -3.037  1.00 37.14  ? 21  DG  B C4    1 
ATOM   427 P P     . DG  B 1 10 ? 9.455   -6.880  -1.559  1.00 57.20  ? 22  DG  B P     1 
ATOM   428 O OP1   . DG  B 1 10 ? 10.914  -7.122  -1.629  1.00 61.09  ? 22  DG  B OP1   1 
ATOM   429 O OP2   . DG  B 1 10 ? 8.548   -7.917  -1.006  1.00 57.56  ? 22  DG  B OP2   1 
ATOM   430 O "O5'" . DG  B 1 10 ? 9.229   -5.553  -0.715  1.00 58.49  ? 22  DG  B "O5'" 1 
ATOM   431 C "C5'" . DG  B 1 10 ? 9.906   -4.339  -1.076  1.00 53.46  ? 22  DG  B "C5'" 1 
ATOM   432 C "C4'" . DG  B 1 10 ? 9.899   -3.385  0.090   1.00 49.56  ? 22  DG  B "C4'" 1 
ATOM   433 O "O4'" . DG  B 1 10 ? 8.643   -2.665  0.105   1.00 46.11  ? 22  DG  B "O4'" 1 
ATOM   434 C "C3'" . DG  B 1 10 ? 10.044  -4.004  1.475   1.00 48.65  ? 22  DG  B "C3'" 1 
ATOM   435 O "O3'" . DG  B 1 10 ? 10.760  -3.024  2.211   1.00 54.91  ? 22  DG  B "O3'" 1 
ATOM   436 C "C2'" . DG  B 1 10 ? 8.600   -4.110  1.956   1.00 45.31  ? 22  DG  B "C2'" 1 
ATOM   437 C "C1'" . DG  B 1 10 ? 7.997   -2.847  1.352   1.00 42.03  ? 22  DG  B "C1'" 1 
ATOM   438 N N9    . DG  B 1 10 ? 6.565   -2.904  1.090   1.00 37.59  ? 22  DG  B N9    1 
ATOM   439 C C8    . DG  B 1 10 ? 5.870   -3.925  0.491   1.00 36.02  ? 22  DG  B C8    1 
ATOM   440 N N7    . DG  B 1 10 ? 4.607   -3.652  0.319   1.00 36.91  ? 22  DG  B N7    1 
ATOM   441 C C5    . DG  B 1 10 ? 4.461   -2.367  0.821   1.00 33.05  ? 22  DG  B C5    1 
ATOM   442 C C6    . DG  B 1 10 ? 3.316   -1.538  0.903   1.00 31.04  ? 22  DG  B C6    1 
ATOM   443 O O6    . DG  B 1 10 ? 2.159   -1.789  0.554   1.00 32.63  ? 22  DG  B O6    1 
ATOM   444 N N1    . DG  B 1 10 ? 3.616   -0.302  1.468   1.00 31.87  ? 22  DG  B N1    1 
ATOM   445 C C2    . DG  B 1 10 ? 4.859   0.084   1.909   1.00 34.67  ? 22  DG  B C2    1 
ATOM   446 N N2    . DG  B 1 10 ? 4.949   1.316   2.438   1.00 33.76  ? 22  DG  B N2    1 
ATOM   447 N N3    . DG  B 1 10 ? 5.936   -0.679  1.834   1.00 35.33  ? 22  DG  B N3    1 
ATOM   448 C C4    . DG  B 1 10 ? 5.665   -1.884  1.285   1.00 35.92  ? 22  DG  B C4    1 
ATOM   449 P P     . DG  B 1 11 ? 11.316  -3.332  3.671   1.00 56.89  ? 23  DG  B P     1 
ATOM   450 O OP1   . DG  B 1 11 ? 12.743  -2.918  3.690   1.00 63.66  ? 23  DG  B OP1   1 
ATOM   451 O OP2   . DG  B 1 11 ? 10.932  -4.717  4.058   1.00 54.81  ? 23  DG  B OP2   1 
ATOM   452 O "O5'" . DG  B 1 11 ? 10.485  -2.336  4.594   1.00 51.29  ? 23  DG  B "O5'" 1 
ATOM   453 C "C5'" . DG  B 1 11 ? 10.592  -0.913  4.429   1.00 50.75  ? 23  DG  B "C5'" 1 
ATOM   454 C "C4'" . DG  B 1 11 ? 9.772   -0.228  5.494   1.00 51.87  ? 23  DG  B "C4'" 1 
ATOM   455 O "O4'" . DG  B 1 11 ? 8.372   -0.244  5.094   1.00 50.87  ? 23  DG  B "O4'" 1 
ATOM   456 C "C3'" . DG  B 1 11 ? 9.808   -0.868  6.881   1.00 52.27  ? 23  DG  B "C3'" 1 
ATOM   457 O "O3'" . DG  B 1 11 ? 9.604   0.153   7.854   1.00 60.59  ? 23  DG  B "O3'" 1 
ATOM   458 C "C2'" . DG  B 1 11 ? 8.548   -1.727  6.884   1.00 49.01  ? 23  DG  B "C2'" 1 
ATOM   459 C "C1'" . DG  B 1 11 ? 7.593   -0.803  6.137   1.00 46.25  ? 23  DG  B "C1'" 1 
ATOM   460 N N9    . DG  B 1 11 ? 6.411   -1.411  5.542   1.00 40.77  ? 23  DG  B N9    1 
ATOM   461 C C8    . DG  B 1 11 ? 6.319   -2.621  4.898   1.00 40.13  ? 23  DG  B C8    1 
ATOM   462 N N7    . DG  B 1 11 ? 5.131   -2.852  4.412   1.00 39.01  ? 23  DG  B N7    1 
ATOM   463 C C5    . DG  B 1 11 ? 4.398   -1.722  4.746   1.00 34.78  ? 23  DG  B C5    1 
ATOM   464 C C6    . DG  B 1 11 ? 3.048   -1.396  4.486   1.00 33.00  ? 23  DG  B C6    1 
ATOM   465 O O6    . DG  B 1 11 ? 2.200   -2.061  3.884   1.00 34.37  ? 23  DG  B O6    1 
ATOM   466 N N1    . DG  B 1 11 ? 2.718   -0.142  4.989   1.00 32.73  ? 23  DG  B N1    1 
ATOM   467 C C2    . DG  B 1 11 ? 3.576   0.689   5.663   1.00 36.10  ? 23  DG  B C2    1 
ATOM   468 N N2    . DG  B 1 11 ? 3.073   1.866   6.066   1.00 35.30  ? 23  DG  B N2    1 
ATOM   469 N N3    . DG  B 1 11 ? 4.840   0.401   5.900   1.00 36.79  ? 23  DG  B N3    1 
ATOM   470 C C4    . DG  B 1 11 ? 5.179   -0.817  5.428   1.00 37.80  ? 23  DG  B C4    1 
ATOM   471 P P     . DT  B 1 12 ? 10.839  0.786   8.672   1.00 62.88  ? 24  DT  B P     1 
ATOM   472 O OP1   . DT  B 1 12 ? 10.316  1.956   9.472   1.00 61.41  ? 24  DT  B OP1   1 
ATOM   473 O OP2   . DT  B 1 12 ? 11.977  1.004   7.709   1.00 55.02  ? 24  DT  B OP2   1 
ATOM   474 O "O5'" . DT  B 1 12 ? 11.189  -0.352  9.734   1.00 64.05  ? 24  DT  B "O5'" 1 
ATOM   475 C "C5'" . DT  B 1 12 ? 10.181  -1.123  10.363  1.00 77.95  ? 24  DT  B "C5'" 1 
ATOM   476 C "C4'" . DT  B 1 12 ? 10.635  -2.551  10.138  1.00 94.59  ? 24  DT  B "C4'" 1 
ATOM   477 O "O4'" . DT  B 1 12 ? 12.021  -2.658  10.477  1.00 103.44 ? 24  DT  B "O4'" 1 
ATOM   478 C "C3'" . DT  B 1 12 ? 9.874   -3.516  11.021  1.00 104.41 ? 24  DT  B "C3'" 1 
ATOM   479 O "O3'" . DT  B 1 12 ? 9.353   -4.583  10.215  1.00 108.38 ? 24  DT  B "O3'" 1 
ATOM   480 C "C2'" . DT  B 1 12 ? 10.886  -4.022  12.042  1.00 109.80 ? 24  DT  B "C2'" 1 
ATOM   481 C "C1'" . DT  B 1 12 ? 12.176  -3.263  11.764  1.00 108.43 ? 24  DT  B "C1'" 1 
ATOM   482 N N1    . DT  B 1 12 ? 12.355  -2.222  12.780  1.00 106.81 ? 24  DT  B N1    1 
HETATM 483 K K     . K   C 2 .  ? 0.019   -1.469  2.427   1.00 33.88  ? 101 K   A K     1 
HETATM 484 O O2    . 50B D 3 .  ? 7.763   2.154   -8.827  1.00 75.55  ? 102 50B A O2    1 
HETATM 485 C C2    . 50B D 3 .  ? 6.855   3.099   -8.402  1.00 68.22  ? 102 50B A C2    1 
HETATM 486 C C3    . 50B D 3 .  ? 5.633   2.903   -9.056  1.00 70.97  ? 102 50B A C3    1 
HETATM 487 O O3    . 50B D 3 .  ? 1.108   9.785   -6.126  1.00 58.40  ? 102 50B A O3    1 
HETATM 488 C C4    . 50B D 3 .  ? 6.980   4.137   -7.490  1.00 58.73  ? 102 50B A C4    1 
HETATM 489 O O4    . 50B D 3 .  ? -1.635  9.250   -6.364  1.00 52.98  ? 102 50B A O4    1 
HETATM 490 C C5    . 50B D 3 .  ? 5.899   4.963   -7.239  1.00 50.77  ? 102 50B A C5    1 
HETATM 491 C C6    . 50B D 3 .  ? 4.677   4.774   -7.859  1.00 52.60  ? 102 50B A C6    1 
HETATM 492 C C1    . 50B D 3 .  ? 7.124   1.457   -9.901  1.00 77.65  ? 102 50B A C1    1 
HETATM 493 O O1    . 50B D 3 .  ? 5.743   1.826   -9.912  1.00 78.63  ? 102 50B A O1    1 
HETATM 494 C C19   . 50B D 3 .  ? 1.335   9.966   -4.721  1.00 57.52  ? 102 50B A C19   1 
HETATM 495 C C18   . 50B D 3 .  ? 0.670   8.537   -6.544  1.00 49.52  ? 102 50B A C18   1 
HETATM 496 C C13   . 50B D 3 .  ? 1.622   7.570   -6.885  1.00 47.73  ? 102 50B A C13   1 
HETATM 497 C C12   . 50B D 3 .  ? 1.220   6.337   -7.384  1.00 45.22  ? 102 50B A C12   1 
HETATM 498 C C15   . 50B D 3 .  ? -0.141  6.084   -7.530  1.00 44.46  ? 102 50B A C15   1 
HETATM 499 C C16   . 50B D 3 .  ? -1.090  7.040   -7.197  1.00 44.49  ? 102 50B A C16   1 
HETATM 500 C C17   . 50B D 3 .  ? -0.698  8.276   -6.706  1.00 46.14  ? 102 50B A C17   1 
HETATM 501 C C20   . 50B D 3 .  ? -2.950  9.323   -6.943  1.00 49.20  ? 102 50B A C20   1 
HETATM 502 C C11   . 50B D 3 .  ? 2.197   5.387   -7.715  1.00 46.65  ? 102 50B A C11   1 
HETATM 503 C C10   . 50B D 3 .  ? 3.555   5.707   -7.540  1.00 47.09  ? 102 50B A C10   1 
HETATM 504 N N1    . 50B D 3 .  ? 3.900   6.913   -7.058  1.00 50.27  ? 102 50B A N1    1 
HETATM 505 C C14   . 50B D 3 .  ? 2.988   7.837   -6.738  1.00 47.97  ? 102 50B A C14   1 
HETATM 506 C C7    . 50B D 3 .  ? 4.554   3.749   -8.788  1.00 59.79  ? 102 50B A C7    1 
HETATM 507 C C8    . 50B D 3 .  ? 6.053   6.083   -6.268  1.00 54.05  ? 102 50B A C8    1 
HETATM 508 C C9    . 50B D 3 .  ? 5.310   7.261   -6.877  1.00 52.08  ? 102 50B A C9    1 
HETATM 509 C C21   . 50B D 3 .  ? 1.778   4.026   -8.230  1.00 49.11  ? 102 50B A C21   1 
HETATM 510 C C22   . 50B D 3 .  ? 1.095   4.030   -9.601  1.00 49.74  ? 102 50B A C22   1 
HETATM 511 C C23   . 50B D 3 .  ? 1.305   2.678   -10.278 1.00 52.15  ? 102 50B A C23   1 
HETATM 512 C C24   . 50B D 3 .  ? 0.777   1.473   -9.486  1.00 51.32  ? 102 50B A C24   1 
HETATM 513 C C25   . 50B D 3 .  ? 1.498   0.227   -9.929  1.00 51.25  ? 102 50B A C25   1 
HETATM 514 C C26   . 50B D 3 .  ? 2.882   0.142   -9.753  1.00 49.39  ? 102 50B A C26   1 
HETATM 515 C C27   . 50B D 3 .  ? 3.596   -0.988  -10.152 1.00 52.55  ? 102 50B A C27   1 
HETATM 516 C C28   . 50B D 3 .  ? 2.940   -2.075  -10.739 1.00 52.91  ? 102 50B A C28   1 
HETATM 517 C C29   . 50B D 3 .  ? 1.555   -2.007  -10.924 1.00 52.90  ? 102 50B A C29   1 
HETATM 518 C C30   . 50B D 3 .  ? 0.845   -0.868  -10.514 1.00 54.11  ? 102 50B A C30   1 
HETATM 519 C C31   . 50B D 3 .  ? -0.712  1.451   -9.614  1.00 51.63  ? 102 50B A C31   1 
HETATM 520 C C32   . 50B D 3 .  ? -1.353  1.052   -10.792 1.00 49.09  ? 102 50B A C32   1 
HETATM 521 C C33   . 50B D 3 .  ? -2.737  1.036   -10.877 1.00 48.71  ? 102 50B A C33   1 
HETATM 522 C C34   . 50B D 3 .  ? -3.508  1.442   -9.793  1.00 49.05  ? 102 50B A C34   1 
HETATM 523 C C35   . 50B D 3 .  ? -2.877  1.855   -8.622  1.00 49.99  ? 102 50B A C35   1 
HETATM 524 C C36   . 50B D 3 .  ? -1.488  1.859   -8.528  1.00 49.42  ? 102 50B A C36   1 
HETATM 525 K K     . K   E 2 .  ? 0.288   -0.108  -0.859  1.00 32.98  ? 101 K   B K     1 
HETATM 526 O O     . HOH F 4 .  ? -11.486 -4.579  6.785   1.00 67.78  ? 201 HOH A O     1 
HETATM 527 O O     . HOH F 4 .  ? 2.003   5.406   9.017   1.00 59.88  ? 202 HOH A O     1 
HETATM 528 O O     . HOH F 4 .  ? -16.123 -11.058 7.631   1.00 44.70  ? 203 HOH A O     1 
HETATM 529 O O     . HOH F 4 .  ? -6.546  22.744  9.009   1.00 66.75  ? 204 HOH A O     1 
HETATM 530 O O     . HOH F 4 .  ? -9.743  15.455  12.113  1.00 58.31  ? 205 HOH A O     1 
HETATM 531 O O     . HOH F 4 .  ? -7.652  -4.215  -1.000  1.00 70.31  ? 206 HOH A O     1 
HETATM 532 O O     . HOH F 4 .  ? 0.069   8.239   1.555   1.00 62.00  ? 207 HOH A O     1 
HETATM 533 O O     . HOH F 4 .  ? -9.020  -0.214  5.383   1.00 56.91  ? 208 HOH A O     1 
HETATM 534 O O     . HOH F 4 .  ? -6.185  4.685   4.010   1.00 55.74  ? 209 HOH A O     1 
HETATM 535 O O     . HOH F 4 .  ? -7.225  2.086   5.999   1.00 47.32  ? 210 HOH A O     1 
HETATM 536 O O     . HOH F 4 .  ? -17.801 -1.776  2.467   1.00 57.32  ? 211 HOH A O     1 
HETATM 537 O O     . HOH F 4 .  ? -5.030  -8.842  2.183   1.00 57.29  ? 212 HOH A O     1 
HETATM 538 O O     . HOH F 4 .  ? -4.450  9.784   6.062   1.00 53.93  ? 213 HOH A O     1 
HETATM 539 O O     . HOH F 4 .  ? -5.461  11.900  -2.948  1.00 74.38  ? 214 HOH A O     1 
HETATM 540 O O     . HOH F 4 .  ? 2.672   18.799  4.346   1.00 70.92  ? 215 HOH A O     1 
HETATM 541 O O     . HOH F 4 .  ? 1.269   13.180  11.058  1.00 58.12  ? 216 HOH A O     1 
HETATM 542 O O     . HOH F 4 .  ? -5.824  7.118   -5.049  1.00 63.44  ? 217 HOH A O     1 
HETATM 543 O O     . HOH F 4 .  ? -10.078 13.841  2.066   1.00 60.32  ? 218 HOH A O     1 
HETATM 544 O O     . HOH G 4 .  ? -7.772  3.789   -2.512  1.00 65.46  ? 201 HOH B O     1 
HETATM 545 O O     . HOH G 4 .  ? 6.397   -7.265  0.458   1.00 53.91  ? 202 HOH B O     1 
HETATM 546 O O     . HOH G 4 .  ? 8.937   -0.261  -1.060  1.00 60.18  ? 203 HOH B O     1 
HETATM 547 O O     . HOH G 4 .  ? 0.895   -14.820 -3.248  1.00 61.92  ? 204 HOH B O     1 
HETATM 548 O O     . HOH G 4 .  ? 7.636   2.094   3.582   1.00 58.03  ? 205 HOH B O     1 
HETATM 549 O O     . HOH G 4 .  ? 6.808   -7.015  3.569   1.00 54.73  ? 206 HOH B O     1 
HETATM 550 O O     . HOH G 4 .  ? -8.172  -0.091  -3.142  1.00 63.19  ? 207 HOH B O     1 
HETATM 551 O O     . HOH G 4 .  ? 0.489   -7.475  -5.691  1.00 61.67  ? 208 HOH B O     1 
HETATM 552 O O     . HOH G 4 .  ? 8.264   -5.588  5.827   1.00 61.98  ? 209 HOH B O     1 
HETATM 553 O O     . HOH G 4 .  ? 6.636   -6.867  7.655   1.00 77.94  ? 210 HOH B O     1 
# 
